data_7K7R
#
_entry.id   7K7R
#
_cell.length_a   119.657
_cell.length_b   137.562
_cell.length_c   178.996
_cell.angle_alpha   90.000
_cell.angle_beta   90.000
_cell.angle_gamma   90.000
#
_symmetry.space_group_name_H-M   'I 2 2 2'
#
loop_
_entity.id
_entity.type
_entity.pdbx_description
1 polymer 'Fab LC MS39p2w174'
2 polymer 'Fab HC MS39p2w174'
3 polymer 'EBNA1 peptide AA386-405'
4 non-polymer 'CHLORIDE ION'
5 non-polymer GLYCEROL
6 water water
#
loop_
_entity_poly.entity_id
_entity_poly.type
_entity_poly.pdbx_seq_one_letter_code
_entity_poly.pdbx_strand_id
1 'polypeptide(L)'
;DVVLTQSPLSLPVILGQPASISCRSSQSLVYSDGRTYLNWFQQRPGQSPRRLIYKISKRDSGVPERFSGSGSGTDFTLEI
SRVEAEDVGIYYCMQGSHWPVTFGQGTKVEIKRTVAAPSVFIFPPSDEQLKSGTASVVCLLNNFYPREAKVQWKVDNALQ
SGNSQESVTEQDSKDSTYSLSSTLTLSKADYEKHKVYACEVTHQGLSSPVTKSFNRGEC
;
A,D
2 'polypeptide(L)'
;QVQLVESGGGLVKPGGSLRLSCVSSGFTFSNYWMSWVRQAPGGGLEWVANINQDGSEKYYVDSVKGRFTSSRDNTKNSLF
LQLNSLRAEDTGIYYCTRDPPYFDNWGQGTLVTVSSASTKGPSVFPLAPSSKSTSGGTAALGCLVKDYFPEPVTVSWNSG
ALTSGVHTFPAVLQSSGLYSLSSVVTVPSSSLGTQTYICNVNHKPSNTKVDKKVEPKSCDKTHT
;
B,E
3 'polypeptide(L)' SQSSSSGSPPRRPPPGRRPF C,F
#
loop_
_chem_comp.id
_chem_comp.type
_chem_comp.name
_chem_comp.formula
CL non-polymer 'CHLORIDE ION' 'Cl -1'
GOL non-polymer GLYCEROL 'C3 H8 O3'
#
# COMPACT_ATOMS: atom_id res chain seq x y z
N ASP A 1 10.99 22.09 17.43
CA ASP A 1 10.81 21.96 15.98
C ASP A 1 11.24 23.24 15.31
N VAL A 2 11.91 23.12 14.17
CA VAL A 2 12.34 24.29 13.42
C VAL A 2 11.17 24.78 12.56
N VAL A 3 10.92 26.08 12.60
CA VAL A 3 9.83 26.68 11.84
C VAL A 3 10.41 27.29 10.56
N LEU A 4 9.83 26.92 9.41
CA LEU A 4 10.27 27.44 8.12
C LEU A 4 9.22 28.41 7.61
N THR A 5 9.58 29.70 7.57
CA THR A 5 8.69 30.75 7.13
C THR A 5 8.99 31.07 5.67
N GLN A 6 7.99 30.92 4.82
CA GLN A 6 8.15 31.26 3.43
C GLN A 6 7.56 32.64 3.17
N SER A 7 8.16 33.37 2.22
CA SER A 7 7.71 34.70 1.87
C SER A 7 8.08 35.00 0.42
N PRO A 8 7.15 35.48 -0.42
CA PRO A 8 5.74 35.71 -0.09
C PRO A 8 4.95 34.42 -0.13
N LEU A 9 3.75 34.39 0.44
CA LEU A 9 2.95 33.17 0.38
C LEU A 9 2.12 33.09 -0.88
N SER A 10 1.66 34.22 -1.40
CA SER A 10 1.01 34.28 -2.70
C SER A 10 1.87 35.13 -3.62
N LEU A 11 2.20 34.57 -4.79
CA LEU A 11 3.16 35.20 -5.71
C LEU A 11 2.56 35.27 -7.11
N PRO A 12 1.80 36.32 -7.41
CA PRO A 12 1.32 36.52 -8.79
C PRO A 12 2.39 37.19 -9.64
N VAL A 13 2.80 36.52 -10.71
CA VAL A 13 3.92 36.96 -11.54
C VAL A 13 3.46 37.13 -12.99
N ILE A 14 3.90 38.21 -13.61
CA ILE A 14 3.73 38.36 -15.06
C ILE A 14 4.58 37.33 -15.78
N LEU A 15 4.00 36.70 -16.80
CA LEU A 15 4.67 35.65 -17.56
C LEU A 15 6.03 36.12 -18.06
N GLY A 16 7.07 35.31 -17.81
CA GLY A 16 8.41 35.62 -18.21
C GLY A 16 9.24 36.38 -17.20
N GLN A 17 8.61 37.00 -16.21
CA GLN A 17 9.34 37.72 -15.20
C GLN A 17 10.13 36.75 -14.33
N PRO A 18 11.23 37.20 -13.74
CA PRO A 18 11.87 36.40 -12.68
C PRO A 18 11.04 36.40 -11.41
N ALA A 19 11.33 35.41 -10.56
CA ALA A 19 10.66 35.29 -9.29
C ALA A 19 11.64 34.73 -8.27
N SER A 20 11.36 35.02 -7.00
CA SER A 20 12.18 34.59 -5.90
C SER A 20 11.29 34.25 -4.72
N ILE A 21 11.49 33.08 -4.14
CA ILE A 21 10.75 32.64 -2.97
C ILE A 21 11.74 32.50 -1.82
N SER A 22 11.45 33.16 -0.71
CA SER A 22 12.34 33.16 0.44
C SER A 22 11.88 32.12 1.46
N CYS A 23 12.85 31.52 2.15
CA CYS A 23 12.60 30.54 3.21
C CYS A 23 13.49 30.89 4.39
N ARG A 24 12.86 31.28 5.51
CA ARG A 24 13.58 31.72 6.70
C ARG A 24 13.45 30.67 7.78
N SER A 25 14.59 30.20 8.29
CA SER A 25 14.61 29.15 9.28
C SER A 25 14.71 29.74 10.68
N SER A 26 14.12 29.03 11.64
CA SER A 26 14.22 29.46 13.03
C SER A 26 15.55 29.08 13.68
N GLN A 27 16.34 28.21 13.06
CA GLN A 27 17.61 27.79 13.62
C GLN A 27 18.65 27.69 12.51
N SER A 28 19.89 27.39 12.90
CA SER A 28 21.03 27.57 12.00
C SER A 28 20.99 26.67 10.77
N LEU A 29 20.44 25.47 10.88
CA LEU A 29 20.23 24.55 9.76
C LEU A 29 21.51 23.93 9.19
N VAL A 30 22.69 24.26 9.71
CA VAL A 30 23.92 23.59 9.28
C VAL A 30 24.13 22.36 10.15
N TYR A 31 24.12 21.18 9.55
CA TYR A 31 24.23 19.94 10.30
C TYR A 31 25.67 19.71 10.78
N SER A 32 25.83 18.72 11.69
CA SER A 32 27.12 18.43 12.27
C SER A 32 28.14 17.95 11.24
N ASP A 33 27.69 17.44 10.09
CA ASP A 33 28.61 17.04 9.03
C ASP A 33 28.94 18.19 8.09
N GLY A 34 28.55 19.41 8.42
CA GLY A 34 28.84 20.57 7.61
C GLY A 34 27.85 20.84 6.50
N ARG A 35 27.02 19.87 6.14
CA ARG A 35 26.03 20.04 5.10
C ARG A 35 24.79 20.74 5.64
N THR A 36 24.06 21.41 4.75
CA THR A 36 22.80 22.06 5.07
C THR A 36 21.69 21.34 4.31
N TYR A 37 20.84 20.62 5.04
CA TYR A 37 19.82 19.77 4.41
C TYR A 37 18.55 20.60 4.22
N LEU A 38 18.58 21.43 3.18
CA LEU A 38 17.43 22.24 2.79
C LEU A 38 16.99 21.88 1.38
N ASN A 39 15.73 21.50 1.23
CA ASN A 39 15.17 21.06 -0.05
C ASN A 39 14.06 22.00 -0.50
N TRP A 40 13.72 21.92 -1.78
CA TRP A 40 12.60 22.67 -2.34
C TRP A 40 11.75 21.71 -3.17
N PHE A 41 10.44 21.69 -2.92
CA PHE A 41 9.54 20.80 -3.61
C PHE A 41 8.51 21.61 -4.37
N GLN A 42 8.04 21.06 -5.49
CA GLN A 42 7.03 21.70 -6.33
C GLN A 42 5.82 20.80 -6.41
N GLN A 43 4.69 21.29 -5.94
CA GLN A 43 3.42 20.57 -6.06
C GLN A 43 2.55 21.31 -7.06
N ARG A 44 2.51 20.80 -8.30
CA ARG A 44 1.65 21.32 -9.35
C ARG A 44 0.21 20.86 -9.11
N PRO A 45 -0.78 21.56 -9.66
CA PRO A 45 -2.17 21.23 -9.36
C PRO A 45 -2.51 19.78 -9.67
N GLY A 46 -3.16 19.12 -8.71
CA GLY A 46 -3.58 17.74 -8.88
C GLY A 46 -2.49 16.69 -8.78
N GLN A 47 -1.26 17.07 -8.45
CA GLN A 47 -0.14 16.13 -8.40
C GLN A 47 0.50 16.11 -7.02
N SER A 48 1.34 15.11 -6.80
CA SER A 48 2.13 15.05 -5.58
C SER A 48 3.32 15.98 -5.70
N PRO A 49 3.93 16.34 -4.59
CA PRO A 49 5.16 17.14 -4.66
C PRO A 49 6.22 16.39 -5.46
N ARG A 50 7.12 17.16 -6.03
CA ARG A 50 8.32 16.58 -6.63
C ARG A 50 9.48 17.46 -6.25
N ARG A 51 10.60 16.86 -5.90
CA ARG A 51 11.74 17.65 -5.44
C ARG A 51 12.31 18.48 -6.58
N LEU A 52 12.64 19.73 -6.27
CA LEU A 52 13.34 20.61 -7.20
C LEU A 52 14.82 20.76 -6.84
N ILE A 53 15.10 21.10 -5.58
CA ILE A 53 16.44 21.38 -5.12
C ILE A 53 16.70 20.55 -3.87
N TYR A 54 17.95 20.10 -3.70
CA TYR A 54 18.40 19.49 -2.47
C TYR A 54 19.71 20.15 -2.07
N LYS A 55 19.95 20.21 -0.76
CA LYS A 55 21.13 20.86 -0.20
C LYS A 55 21.31 22.27 -0.78
N ILE A 56 20.30 23.10 -0.53
CA ILE A 56 20.29 24.55 -0.82
C ILE A 56 20.25 24.86 -2.30
N SER A 57 21.20 24.29 -3.06
CA SER A 57 21.41 24.72 -4.43
C SER A 57 21.58 23.61 -5.46
N LYS A 58 21.62 22.34 -5.05
CA LYS A 58 21.84 21.27 -6.01
C LYS A 58 20.51 20.91 -6.67
N ARG A 59 20.46 21.04 -7.99
CA ARG A 59 19.23 20.86 -8.75
C ARG A 59 19.09 19.42 -9.20
N ASP A 60 17.85 18.92 -9.20
CA ASP A 60 17.61 17.56 -9.63
C ASP A 60 17.80 17.43 -11.14
N SER A 61 17.94 16.18 -11.60
CA SER A 61 18.19 15.96 -13.01
C SER A 61 16.98 16.28 -13.88
N GLY A 62 15.77 15.99 -13.39
CA GLY A 62 14.55 16.22 -14.15
C GLY A 62 13.94 17.59 -14.05
N VAL A 63 14.66 18.56 -13.49
CA VAL A 63 14.14 19.89 -13.25
C VAL A 63 14.73 20.84 -14.29
N PRO A 64 13.94 21.73 -14.89
CA PRO A 64 14.48 22.68 -15.85
C PRO A 64 15.53 23.60 -15.24
N GLU A 65 16.45 24.06 -16.09
CA GLU A 65 17.62 24.82 -15.62
C GLU A 65 17.25 26.18 -15.03
N ARG A 66 16.08 26.72 -15.36
CA ARG A 66 15.64 28.01 -14.84
C ARG A 66 15.33 28.01 -13.35
N PHE A 67 15.35 26.84 -12.69
CA PHE A 67 15.24 26.75 -11.24
C PHE A 67 16.62 26.71 -10.60
N SER A 68 16.82 27.52 -9.56
CA SER A 68 18.09 27.54 -8.84
C SER A 68 17.84 27.82 -7.35
N GLY A 69 18.85 27.52 -6.54
CA GLY A 69 18.76 27.75 -5.11
C GLY A 69 19.98 28.48 -4.58
N SER A 70 19.78 29.14 -3.44
CA SER A 70 20.85 29.89 -2.80
C SER A 70 20.54 30.05 -1.31
N GLY A 71 21.50 30.62 -0.60
CA GLY A 71 21.33 30.92 0.80
C GLY A 71 22.33 30.19 1.67
N SER A 72 22.21 30.43 2.97
CA SER A 72 23.07 29.82 3.98
C SER A 72 22.52 30.21 5.36
N GLY A 73 22.82 29.37 6.35
CA GLY A 73 22.39 29.68 7.70
C GLY A 73 20.89 29.63 7.89
N THR A 74 20.24 30.79 8.03
CA THR A 74 18.79 30.84 8.25
C THR A 74 18.00 31.43 7.10
N ASP A 75 18.66 31.99 6.09
CA ASP A 75 18.00 32.60 4.94
C ASP A 75 18.37 31.83 3.67
N PHE A 76 17.35 31.37 2.94
CA PHE A 76 17.52 30.61 1.72
C PHE A 76 16.54 31.11 0.67
N THR A 77 16.85 30.83 -0.59
CA THR A 77 16.07 31.37 -1.69
C THR A 77 15.92 30.38 -2.83
N LEU A 78 14.70 30.23 -3.33
CA LEU A 78 14.43 29.55 -4.59
C LEU A 78 14.25 30.61 -5.66
N GLU A 79 15.03 30.52 -6.72
CA GLU A 79 14.97 31.49 -7.80
C GLU A 79 14.43 30.83 -9.06
N ILE A 80 13.56 31.54 -9.76
CA ILE A 80 13.06 31.15 -11.07
C ILE A 80 13.48 32.25 -12.03
N SER A 81 14.44 31.95 -12.91
CA SER A 81 14.95 32.99 -13.79
C SER A 81 13.88 33.50 -14.76
N ARG A 82 12.93 32.64 -15.14
CA ARG A 82 11.87 33.02 -16.07
C ARG A 82 10.65 32.18 -15.74
N VAL A 83 9.57 32.81 -15.28
CA VAL A 83 8.37 32.09 -14.86
C VAL A 83 7.52 31.76 -16.07
N GLU A 84 7.35 30.46 -16.33
CA GLU A 84 6.52 29.96 -17.43
C GLU A 84 5.12 29.61 -16.91
N ALA A 85 4.16 29.49 -17.83
CA ALA A 85 2.78 29.22 -17.43
C ALA A 85 2.66 27.90 -16.68
N GLU A 86 3.52 26.93 -16.99
CA GLU A 86 3.49 25.62 -16.32
C GLU A 86 4.12 25.64 -14.93
N ASP A 87 4.63 26.77 -14.47
CA ASP A 87 5.24 26.88 -13.14
C ASP A 87 4.22 27.15 -12.06
N VAL A 88 2.94 27.25 -12.41
CA VAL A 88 1.90 27.50 -11.41
C VAL A 88 1.82 26.28 -10.48
N GLY A 89 1.68 26.55 -9.19
CA GLY A 89 1.65 25.50 -8.20
C GLY A 89 2.11 26.04 -6.85
N ILE A 90 2.34 25.13 -5.92
CA ILE A 90 2.75 25.47 -4.57
C ILE A 90 4.17 24.97 -4.34
N TYR A 91 5.04 25.86 -3.83
CA TYR A 91 6.45 25.57 -3.63
C TYR A 91 6.73 25.50 -2.12
N TYR A 92 7.29 24.39 -1.68
CA TYR A 92 7.61 24.19 -0.27
C TYR A 92 9.12 24.13 -0.09
N CYS A 93 9.59 24.72 1.01
CA CYS A 93 10.94 24.46 1.48
C CYS A 93 10.86 23.46 2.62
N MET A 94 11.93 22.68 2.78
CA MET A 94 11.98 21.64 3.78
C MET A 94 13.38 21.58 4.34
N GLN A 95 13.47 21.36 5.65
CA GLN A 95 14.74 21.21 6.35
C GLN A 95 14.83 19.79 6.91
N GLY A 96 16.04 19.24 6.92
CA GLY A 96 16.25 17.92 7.48
C GLY A 96 17.40 17.88 8.48
N SER A 97 17.96 19.06 8.77
CA SER A 97 19.08 19.14 9.69
C SER A 97 18.66 18.98 11.14
N HIS A 98 17.43 19.36 11.49
CA HIS A 98 16.95 19.20 12.86
C HIS A 98 15.82 18.19 12.88
N TRP A 99 15.66 17.53 14.03
CA TRP A 99 14.61 16.51 14.13
C TRP A 99 13.35 17.11 14.72
N PRO A 100 12.18 16.91 14.11
CA PRO A 100 11.96 16.18 12.84
C PRO A 100 12.07 17.08 11.62
N VAL A 101 12.06 16.48 10.42
CA VAL A 101 12.07 17.27 9.21
C VAL A 101 10.76 18.03 9.11
N THR A 102 10.84 19.31 8.75
CA THR A 102 9.68 20.17 8.72
C THR A 102 9.62 20.93 7.40
N PHE A 103 8.42 21.31 7.00
CA PHE A 103 8.17 22.04 5.76
C PHE A 103 7.66 23.45 6.06
N GLY A 104 7.86 24.34 5.09
CA GLY A 104 7.22 25.64 5.13
C GLY A 104 5.77 25.56 4.67
N GLN A 105 5.04 26.67 4.81
CA GLN A 105 3.63 26.69 4.48
C GLN A 105 3.39 26.41 3.00
N GLY A 106 4.25 26.92 2.14
CA GLY A 106 4.07 26.79 0.70
C GLY A 106 3.73 28.13 0.10
N THR A 107 4.34 28.42 -1.06
CA THR A 107 4.11 29.64 -1.82
C THR A 107 3.37 29.26 -3.10
N LYS A 108 2.16 29.80 -3.26
CA LYS A 108 1.34 29.55 -4.44
C LYS A 108 1.73 30.54 -5.54
N VAL A 109 2.31 30.02 -6.62
CA VAL A 109 2.70 30.86 -7.74
C VAL A 109 1.54 30.92 -8.74
N GLU A 110 1.23 32.13 -9.17
CA GLU A 110 0.09 32.42 -10.04
C GLU A 110 0.55 33.27 -11.21
N ILE A 111 0.13 32.90 -12.42
CA ILE A 111 0.44 33.72 -13.59
C ILE A 111 -0.57 34.85 -13.67
N LYS A 112 -0.07 36.07 -13.86
CA LYS A 112 -0.92 37.24 -14.02
C LYS A 112 -1.07 37.50 -15.51
N ARG A 113 -2.20 37.05 -16.08
CA ARG A 113 -2.44 37.19 -17.50
C ARG A 113 -3.42 38.33 -17.77
N THR A 114 -3.70 38.55 -19.05
CA THR A 114 -4.63 39.59 -19.42
C THR A 114 -6.07 39.11 -19.22
N VAL A 115 -6.95 40.06 -18.91
CA VAL A 115 -8.33 39.73 -18.56
C VAL A 115 -8.99 38.92 -19.68
N ALA A 116 -9.80 37.94 -19.27
CA ALA A 116 -10.61 37.14 -20.15
C ALA A 116 -12.00 37.02 -19.56
N ALA A 117 -13.03 37.14 -20.41
CA ALA A 117 -14.38 37.04 -19.90
C ALA A 117 -14.80 35.58 -19.82
N PRO A 118 -15.68 35.23 -18.89
CA PRO A 118 -16.14 33.83 -18.79
C PRO A 118 -17.17 33.53 -19.88
N SER A 119 -16.94 32.46 -20.62
CA SER A 119 -18.01 31.90 -21.44
C SER A 119 -19.00 31.23 -20.51
N VAL A 120 -20.27 31.61 -20.61
CA VAL A 120 -21.28 31.20 -19.62
C VAL A 120 -22.26 30.25 -20.27
N PHE A 121 -22.51 29.12 -19.60
CA PHE A 121 -23.46 28.11 -20.05
C PHE A 121 -24.32 27.68 -18.88
N ILE A 122 -25.60 27.40 -19.17
CA ILE A 122 -26.55 26.94 -18.16
C ILE A 122 -27.11 25.60 -18.59
N PHE A 123 -27.28 24.70 -17.64
CA PHE A 123 -27.72 23.32 -17.92
C PHE A 123 -28.96 22.99 -17.11
N PRO A 124 -30.11 22.81 -17.75
CA PRO A 124 -31.29 22.35 -17.03
C PRO A 124 -31.05 20.95 -16.49
N PRO A 125 -31.77 20.55 -15.45
CA PRO A 125 -31.55 19.21 -14.91
C PRO A 125 -31.94 18.16 -15.94
N SER A 126 -31.57 16.93 -15.63
CA SER A 126 -31.76 15.80 -16.53
C SER A 126 -33.07 15.14 -16.20
N ASP A 127 -33.71 14.57 -17.22
CA ASP A 127 -34.95 13.87 -16.93
C ASP A 127 -34.72 12.73 -15.94
N GLU A 128 -33.58 12.06 -16.02
CA GLU A 128 -33.28 10.98 -15.08
C GLU A 128 -33.22 11.50 -13.66
N GLN A 129 -32.65 12.68 -13.45
CA GLN A 129 -32.56 13.22 -12.11
C GLN A 129 -33.93 13.57 -11.53
N LEU A 130 -34.80 14.19 -12.34
CA LEU A 130 -36.15 14.49 -11.88
C LEU A 130 -36.91 13.22 -11.53
N LYS A 131 -36.64 12.13 -12.26
CA LYS A 131 -37.20 10.83 -11.89
C LYS A 131 -36.82 10.46 -10.47
N SER A 132 -35.68 10.97 -9.97
CA SER A 132 -35.17 10.67 -8.64
C SER A 132 -35.65 11.64 -7.57
N GLY A 133 -36.30 12.74 -7.94
CA GLY A 133 -36.97 13.61 -7.00
C GLY A 133 -36.22 14.88 -6.64
N THR A 134 -35.10 15.15 -7.31
CA THR A 134 -34.31 16.35 -7.05
C THR A 134 -33.97 16.97 -8.38
N ALA A 135 -33.73 18.27 -8.37
CA ALA A 135 -33.38 19.00 -9.58
C ALA A 135 -32.14 19.81 -9.28
N SER A 136 -31.10 19.60 -10.06
CA SER A 136 -29.88 20.39 -9.96
C SER A 136 -29.69 21.06 -11.30
N VAL A 137 -29.61 22.39 -11.30
CA VAL A 137 -29.32 23.16 -12.50
C VAL A 137 -27.93 23.75 -12.35
N VAL A 138 -27.10 23.62 -13.39
CA VAL A 138 -25.69 23.98 -13.33
C VAL A 138 -25.43 25.18 -14.22
N CYS A 139 -24.61 26.10 -13.71
CA CYS A 139 -24.14 27.27 -14.44
C CYS A 139 -22.63 27.15 -14.55
N LEU A 140 -22.10 27.24 -15.76
CA LEU A 140 -20.67 27.05 -16.03
C LEU A 140 -20.04 28.35 -16.51
N LEU A 141 -18.95 28.74 -15.86
CA LEU A 141 -18.13 29.86 -16.28
C LEU A 141 -16.78 29.32 -16.70
N ASN A 142 -16.43 29.45 -17.98
CA ASN A 142 -15.29 28.75 -18.54
C ASN A 142 -14.20 29.70 -18.99
N ASN A 143 -12.96 29.41 -18.58
CA ASN A 143 -11.75 30.09 -19.04
C ASN A 143 -11.86 31.62 -18.93
N PHE A 144 -11.85 32.08 -17.69
CA PHE A 144 -11.86 33.50 -17.39
C PHE A 144 -10.68 33.88 -16.50
N TYR A 145 -10.37 35.19 -16.49
CA TYR A 145 -9.33 35.76 -15.63
C TYR A 145 -9.65 37.23 -15.41
N PRO A 146 -9.50 37.74 -14.18
CA PRO A 146 -9.00 37.09 -12.96
C PRO A 146 -9.99 36.10 -12.36
N ARG A 147 -9.63 35.56 -11.21
CA ARG A 147 -10.41 34.50 -10.58
C ARG A 147 -11.72 35.02 -10.00
N GLU A 148 -11.77 36.28 -9.58
CA GLU A 148 -12.92 36.82 -8.87
C GLU A 148 -14.12 36.92 -9.79
N ALA A 149 -15.22 36.26 -9.40
CA ALA A 149 -16.47 36.30 -10.15
C ALA A 149 -17.65 36.12 -9.20
N LYS A 150 -18.80 36.66 -9.57
CA LYS A 150 -20.00 36.53 -8.75
C LYS A 150 -21.13 35.97 -9.59
N VAL A 151 -21.72 34.87 -9.14
CA VAL A 151 -22.84 34.22 -9.79
C VAL A 151 -24.06 34.34 -8.89
N GLN A 152 -25.16 34.86 -9.44
CA GLN A 152 -26.43 34.96 -8.73
C GLN A 152 -27.49 34.16 -9.47
N TRP A 153 -28.28 33.38 -8.74
CA TRP A 153 -29.37 32.60 -9.30
C TRP A 153 -30.70 33.32 -9.11
N LYS A 154 -31.56 33.24 -10.13
CA LYS A 154 -32.91 33.80 -10.08
C LYS A 154 -33.90 32.82 -10.71
N VAL A 155 -34.96 32.49 -9.99
CA VAL A 155 -36.07 31.70 -10.54
C VAL A 155 -37.28 32.64 -10.65
N ASP A 156 -37.77 32.81 -11.88
CA ASP A 156 -38.82 33.77 -12.18
C ASP A 156 -38.45 35.15 -11.63
N ASN A 157 -37.18 35.53 -11.83
CA ASN A 157 -36.64 36.82 -11.40
C ASN A 157 -36.69 36.99 -9.89
N ALA A 158 -36.57 35.89 -9.14
CA ALA A 158 -36.53 35.90 -7.69
C ALA A 158 -35.14 35.50 -7.24
N LEU A 159 -34.47 36.39 -6.52
CA LEU A 159 -33.11 36.11 -6.08
C LEU A 159 -33.10 34.91 -5.13
N GLN A 160 -32.11 34.04 -5.31
CA GLN A 160 -31.97 32.86 -4.47
C GLN A 160 -30.80 33.05 -3.51
N SER A 161 -30.82 32.27 -2.42
CA SER A 161 -29.72 32.28 -1.47
C SER A 161 -29.84 31.05 -0.58
N GLY A 162 -28.69 30.44 -0.29
CA GLY A 162 -28.63 29.29 0.57
C GLY A 162 -28.83 27.95 -0.13
N ASN A 163 -29.28 27.94 -1.39
CA ASN A 163 -29.57 26.71 -2.11
C ASN A 163 -28.53 26.36 -3.16
N SER A 164 -27.63 27.28 -3.50
CA SER A 164 -26.59 27.05 -4.48
C SER A 164 -25.23 26.99 -3.81
N GLN A 165 -24.28 26.42 -4.55
CA GLN A 165 -22.89 26.38 -4.12
C GLN A 165 -22.02 26.28 -5.36
N GLU A 166 -20.84 26.90 -5.30
CA GLU A 166 -19.97 27.03 -6.45
C GLU A 166 -18.62 26.36 -6.18
N SER A 167 -17.88 26.12 -7.26
CA SER A 167 -16.57 25.48 -7.21
C SER A 167 -15.73 26.04 -8.37
N VAL A 168 -14.47 26.36 -8.08
CA VAL A 168 -13.58 26.95 -9.08
C VAL A 168 -12.33 26.08 -9.21
N THR A 169 -11.85 25.90 -10.44
CA THR A 169 -10.67 25.10 -10.71
C THR A 169 -9.40 25.88 -10.37
N GLU A 170 -8.30 25.12 -10.24
CA GLU A 170 -6.99 25.75 -10.12
C GLU A 170 -6.61 26.43 -11.44
N GLN A 171 -5.59 27.29 -11.36
CA GLN A 171 -5.16 28.02 -12.55
C GLN A 171 -4.62 27.06 -13.60
N ASP A 172 -5.11 27.21 -14.83
CA ASP A 172 -4.72 26.30 -15.92
C ASP A 172 -3.25 26.52 -16.28
N SER A 173 -2.54 25.41 -16.48
CA SER A 173 -1.11 25.51 -16.75
C SER A 173 -0.79 25.93 -18.18
N LYS A 174 -1.81 26.04 -19.05
CA LYS A 174 -1.58 26.39 -20.45
C LYS A 174 -2.00 27.82 -20.75
N ASP A 175 -3.25 28.19 -20.49
CA ASP A 175 -3.74 29.56 -20.75
C ASP A 175 -3.92 30.38 -19.47
N SER A 176 -3.55 29.84 -18.31
CA SER A 176 -3.56 30.60 -17.04
C SER A 176 -4.96 31.11 -16.69
N THR A 177 -6.00 30.41 -17.15
CA THR A 177 -7.38 30.81 -16.89
C THR A 177 -7.97 29.96 -15.78
N TYR A 178 -9.10 30.41 -15.26
CA TYR A 178 -9.87 29.66 -14.28
C TYR A 178 -11.17 29.21 -14.91
N SER A 179 -11.92 28.38 -14.17
CA SER A 179 -13.24 27.95 -14.57
C SER A 179 -14.05 27.71 -13.30
N LEU A 180 -15.33 28.04 -13.34
CA LEU A 180 -16.21 27.94 -12.18
C LEU A 180 -17.51 27.26 -12.57
N SER A 181 -17.99 26.37 -11.71
CA SER A 181 -19.29 25.74 -11.86
C SER A 181 -20.12 26.07 -10.63
N SER A 182 -21.32 26.59 -10.84
CA SER A 182 -22.26 26.92 -9.77
C SER A 182 -23.49 26.07 -9.97
N THR A 183 -23.81 25.26 -8.96
CA THR A 183 -24.94 24.34 -9.01
C THR A 183 -26.03 24.82 -8.07
N LEU A 184 -27.24 24.99 -8.61
CA LEU A 184 -28.43 25.32 -7.84
C LEU A 184 -29.24 24.04 -7.61
N THR A 185 -29.48 23.71 -6.35
CA THR A 185 -30.21 22.50 -5.99
C THR A 185 -31.61 22.85 -5.50
N LEU A 186 -32.62 22.21 -6.09
CA LEU A 186 -34.02 22.37 -5.71
C LEU A 186 -34.68 21.01 -5.65
N SER A 187 -35.89 20.98 -5.11
CA SER A 187 -36.73 19.77 -5.14
C SER A 187 -37.51 19.74 -6.45
N LYS A 188 -37.89 18.53 -6.86
CA LYS A 188 -38.61 18.38 -8.12
C LYS A 188 -39.91 19.19 -8.10
N ALA A 189 -40.58 19.24 -6.95
CA ALA A 189 -41.80 20.04 -6.83
C ALA A 189 -41.51 21.53 -6.99
N ASP A 190 -40.51 22.04 -6.27
CA ASP A 190 -40.12 23.43 -6.43
C ASP A 190 -39.65 23.71 -7.85
N TYR A 191 -38.96 22.75 -8.47
CA TYR A 191 -38.49 22.97 -9.83
C TYR A 191 -39.66 23.12 -10.81
N GLU A 192 -40.67 22.25 -10.70
CA GLU A 192 -41.78 22.30 -11.63
C GLU A 192 -42.83 23.32 -11.24
N LYS A 193 -42.48 24.21 -10.32
CA LYS A 193 -43.34 25.28 -9.84
C LYS A 193 -43.01 26.62 -10.52
N HIS A 194 -41.92 26.68 -11.28
CA HIS A 194 -41.46 27.93 -11.87
C HIS A 194 -41.06 27.67 -13.31
N LYS A 195 -40.93 28.75 -14.08
CA LYS A 195 -40.67 28.63 -15.51
C LYS A 195 -39.27 29.06 -15.92
N VAL A 196 -38.82 30.25 -15.52
CA VAL A 196 -37.52 30.78 -15.95
C VAL A 196 -36.48 30.51 -14.87
N TYR A 197 -35.32 30.05 -15.31
CA TYR A 197 -34.18 29.81 -14.43
C TYR A 197 -32.98 30.48 -15.06
N ALA A 198 -32.25 31.27 -14.25
CA ALA A 198 -31.17 32.07 -14.79
C ALA A 198 -30.07 32.20 -13.75
N CYS A 199 -28.84 32.28 -14.24
CA CYS A 199 -27.71 32.69 -13.43
C CYS A 199 -27.15 33.97 -14.03
N GLU A 200 -26.83 34.93 -13.17
CA GLU A 200 -26.29 36.22 -13.57
C GLU A 200 -24.83 36.27 -13.17
N VAL A 201 -23.98 36.51 -14.16
CA VAL A 201 -22.53 36.47 -13.98
C VAL A 201 -22.01 37.90 -14.11
N THR A 202 -21.28 38.34 -13.08
CA THR A 202 -20.58 39.61 -13.08
C THR A 202 -19.09 39.32 -13.02
N HIS A 203 -18.34 39.89 -13.96
CA HIS A 203 -16.90 39.66 -14.02
C HIS A 203 -16.23 40.91 -14.58
N GLN A 204 -14.92 41.01 -14.33
CA GLN A 204 -14.18 42.19 -14.79
C GLN A 204 -14.17 42.28 -16.31
N GLY A 205 -14.17 41.12 -16.99
CA GLY A 205 -14.19 41.09 -18.45
C GLY A 205 -15.51 41.42 -19.10
N LEU A 206 -16.57 41.61 -18.31
CA LEU A 206 -17.89 41.93 -18.80
C LEU A 206 -18.24 43.37 -18.44
N SER A 207 -18.78 44.12 -19.41
CA SER A 207 -19.18 45.49 -19.13
C SER A 207 -20.44 45.55 -18.28
N SER A 208 -21.33 44.58 -18.43
CA SER A 208 -22.55 44.48 -17.66
C SER A 208 -22.78 43.03 -17.31
N PRO A 209 -23.45 42.74 -16.20
CA PRO A 209 -23.71 41.35 -15.80
C PRO A 209 -24.46 40.56 -16.87
N VAL A 210 -23.82 39.50 -17.37
CA VAL A 210 -24.41 38.65 -18.40
C VAL A 210 -25.31 37.61 -17.74
N THR A 211 -26.48 37.39 -18.32
CA THR A 211 -27.45 36.46 -17.78
C THR A 211 -27.72 35.34 -18.78
N LYS A 212 -27.65 34.09 -18.32
CA LYS A 212 -28.00 32.91 -19.10
C LYS A 212 -29.18 32.23 -18.44
N SER A 213 -30.22 31.99 -19.22
CA SER A 213 -31.48 31.52 -18.68
C SER A 213 -32.08 30.46 -19.59
N PHE A 214 -32.92 29.63 -19.00
CA PHE A 214 -33.74 28.71 -19.76
C PHE A 214 -35.14 28.69 -19.17
N ASN A 215 -36.09 28.22 -19.98
CA ASN A 215 -37.49 28.08 -19.62
C ASN A 215 -37.78 26.60 -19.50
N ARG A 216 -38.23 26.17 -18.33
CA ARG A 216 -38.44 24.75 -18.06
C ARG A 216 -39.32 24.13 -19.14
N GLY A 217 -38.75 23.15 -19.86
CA GLY A 217 -39.44 22.52 -20.98
C GLY A 217 -39.52 23.37 -22.25
N VAL B 2 12.11 4.95 -11.78
CA VAL B 2 11.77 4.80 -10.36
C VAL B 2 10.33 5.21 -10.08
N GLN B 3 9.59 4.29 -9.45
CA GLN B 3 8.17 4.45 -9.20
C GLN B 3 7.81 3.99 -7.80
N LEU B 4 6.85 4.69 -7.20
CA LEU B 4 6.33 4.38 -5.87
C LEU B 4 4.81 4.43 -5.93
N VAL B 5 4.17 3.35 -5.52
CA VAL B 5 2.71 3.26 -5.62
C VAL B 5 2.16 2.91 -4.26
N GLU B 6 1.31 3.79 -3.72
CA GLU B 6 0.64 3.57 -2.45
C GLU B 6 -0.75 2.99 -2.67
N SER B 7 -1.25 2.32 -1.63
CA SER B 7 -2.61 1.82 -1.61
C SER B 7 -3.05 1.64 -0.16
N GLY B 8 -4.36 1.42 0.01
CA GLY B 8 -4.93 1.13 1.31
C GLY B 8 -5.70 2.27 1.94
N GLY B 9 -5.55 3.48 1.42
CA GLY B 9 -6.28 4.61 1.97
C GLY B 9 -7.77 4.46 1.71
N GLY B 10 -8.55 5.04 2.61
CA GLY B 10 -9.99 4.96 2.48
C GLY B 10 -10.67 5.61 3.66
N LEU B 11 -11.98 5.37 3.72
CA LEU B 11 -12.78 5.87 4.83
C LEU B 11 -12.59 4.94 6.01
N VAL B 12 -12.40 5.52 7.19
CA VAL B 12 -12.28 4.76 8.43
C VAL B 12 -12.94 5.57 9.53
N LYS B 13 -13.77 4.93 10.34
CA LYS B 13 -14.37 5.63 11.44
C LYS B 13 -13.30 5.99 12.48
N PRO B 14 -13.50 7.07 13.23
CA PRO B 14 -12.55 7.45 14.27
C PRO B 14 -12.37 6.34 15.29
N GLY B 15 -11.12 6.09 15.66
CA GLY B 15 -10.77 4.97 16.51
C GLY B 15 -10.42 3.71 15.77
N GLY B 16 -10.83 3.61 14.51
CA GLY B 16 -10.56 2.44 13.71
C GLY B 16 -9.11 2.35 13.25
N SER B 17 -8.87 1.32 12.45
CA SER B 17 -7.53 0.98 11.97
C SER B 17 -7.52 1.00 10.45
N LEU B 18 -6.32 1.20 9.91
CA LEU B 18 -6.11 1.27 8.48
C LEU B 18 -4.67 0.87 8.18
N ARG B 19 -4.48 0.09 7.12
CA ARG B 19 -3.15 -0.39 6.72
C ARG B 19 -2.79 0.14 5.34
N LEU B 20 -1.73 0.95 5.27
CA LEU B 20 -1.25 1.48 4.00
C LEU B 20 -0.07 0.67 3.49
N SER B 21 0.00 0.51 2.16
CA SER B 21 1.10 -0.20 1.54
C SER B 21 1.74 0.67 0.47
N CYS B 22 3.00 0.37 0.18
CA CYS B 22 3.74 1.08 -0.84
C CYS B 22 4.67 0.09 -1.52
N VAL B 23 4.51 -0.07 -2.83
CA VAL B 23 5.32 -0.96 -3.65
C VAL B 23 6.24 -0.11 -4.50
N SER B 24 7.51 -0.49 -4.56
CA SER B 24 8.51 0.29 -5.26
C SER B 24 9.01 -0.45 -6.50
N SER B 25 9.54 0.32 -7.45
CA SER B 25 10.08 -0.20 -8.69
C SER B 25 11.27 0.65 -9.10
N GLY B 26 12.18 0.05 -9.86
CA GLY B 26 13.22 0.82 -10.49
C GLY B 26 14.44 1.11 -9.66
N PHE B 27 14.58 0.50 -8.47
CA PHE B 27 15.79 0.69 -7.68
C PHE B 27 15.93 -0.44 -6.67
N THR B 28 17.15 -0.63 -6.18
CA THR B 28 17.41 -1.63 -5.16
C THR B 28 16.77 -1.18 -3.87
N PHE B 29 15.58 -1.72 -3.60
CA PHE B 29 14.79 -1.32 -2.44
C PHE B 29 15.60 -1.53 -1.15
N SER B 30 16.38 -2.61 -1.10
CA SER B 30 17.08 -2.97 0.12
C SER B 30 18.15 -1.96 0.52
N ASN B 31 18.44 -0.97 -0.32
CA ASN B 31 19.53 -0.05 -0.03
C ASN B 31 19.09 1.29 0.53
N TYR B 32 17.81 1.60 0.54
CA TYR B 32 17.34 2.93 0.87
C TYR B 32 16.48 2.92 2.13
N TRP B 33 16.67 3.92 2.97
CA TRP B 33 15.68 4.27 3.96
C TRP B 33 14.43 4.77 3.25
N MET B 34 13.26 4.50 3.84
CA MET B 34 12.00 4.97 3.30
C MET B 34 11.31 5.85 4.34
N SER B 35 10.35 6.64 3.86
CA SER B 35 9.67 7.57 4.74
C SER B 35 8.24 7.79 4.25
N TRP B 36 7.37 8.15 5.19
CA TRP B 36 5.98 8.52 4.92
C TRP B 36 5.80 9.99 5.27
N VAL B 37 5.11 10.73 4.38
CA VAL B 37 4.76 12.13 4.58
C VAL B 37 3.28 12.29 4.29
N ARG B 38 2.58 13.06 5.11
CA ARG B 38 1.15 13.23 4.89
C ARG B 38 0.85 14.70 4.65
N GLN B 39 -0.28 14.94 3.99
CA GLN B 39 -0.73 16.29 3.66
C GLN B 39 -2.17 16.48 4.11
N ALA B 40 -2.36 17.40 5.07
CA ALA B 40 -3.68 17.63 5.65
C ALA B 40 -4.59 18.32 4.64
N PRO B 41 -5.90 18.24 4.84
CA PRO B 41 -6.82 18.95 3.94
C PRO B 41 -6.57 20.45 3.99
N GLY B 42 -6.46 21.07 2.81
CA GLY B 42 -6.21 22.49 2.72
C GLY B 42 -4.92 22.91 3.38
N GLY B 43 -4.00 21.98 3.59
CA GLY B 43 -2.80 22.25 4.36
C GLY B 43 -1.54 21.82 3.62
N GLY B 44 -0.44 21.98 4.31
CA GLY B 44 0.84 21.58 3.81
C GLY B 44 1.23 20.19 4.23
N LEU B 45 2.54 20.00 4.30
CA LEU B 45 3.14 18.69 4.47
C LEU B 45 3.61 18.49 5.91
N GLU B 46 3.45 17.27 6.40
CA GLU B 46 3.93 16.88 7.72
C GLU B 46 4.61 15.53 7.59
N TRP B 47 5.89 15.47 7.99
CA TRP B 47 6.59 14.21 8.04
C TRP B 47 5.91 13.30 9.04
N VAL B 48 5.91 12.00 8.75
CA VAL B 48 5.19 11.02 9.55
C VAL B 48 6.13 9.94 10.11
N ALA B 49 6.93 9.32 9.24
CA ALA B 49 7.67 8.15 9.70
C ALA B 49 8.90 7.90 8.85
N ASN B 50 9.91 7.29 9.50
CA ASN B 50 11.12 6.79 8.85
C ASN B 50 11.23 5.31 9.14
N ILE B 51 11.81 4.56 8.21
CA ILE B 51 12.07 3.15 8.41
C ILE B 51 13.42 2.81 7.78
N ASN B 52 14.15 1.92 8.45
CA ASN B 52 15.50 1.51 8.10
C ASN B 52 15.48 0.62 6.85
N GLN B 53 16.66 0.22 6.37
CA GLN B 53 16.71 -0.62 5.18
C GLN B 53 16.11 -1.99 5.45
N ASP B 54 16.32 -2.54 6.64
CA ASP B 54 15.82 -3.86 7.00
C ASP B 54 14.64 -3.77 7.97
N GLY B 55 14.15 -2.57 8.23
CA GLY B 55 13.03 -2.43 9.14
C GLY B 55 13.41 -2.49 10.59
N SER B 56 14.71 -2.50 10.91
CA SER B 56 15.08 -2.58 12.31
C SER B 56 14.86 -1.26 13.03
N GLU B 57 14.92 -0.14 12.32
CA GLU B 57 14.72 1.16 12.94
C GLU B 57 13.45 1.79 12.39
N LYS B 58 12.59 2.26 13.29
CA LYS B 58 11.34 2.91 12.89
C LYS B 58 11.12 4.10 13.80
N TYR B 59 10.92 5.28 13.20
CA TYR B 59 10.72 6.50 13.94
C TYR B 59 9.48 7.20 13.43
N TYR B 60 8.82 7.94 14.33
CA TYR B 60 7.53 8.52 14.00
C TYR B 60 7.47 9.95 14.53
N VAL B 61 6.60 10.75 13.92
CA VAL B 61 6.35 12.09 14.40
C VAL B 61 5.57 12.00 15.72
N ASP B 62 5.82 12.97 16.62
CA ASP B 62 5.29 12.86 17.98
C ASP B 62 3.77 12.71 18.00
N SER B 63 3.06 13.43 17.13
CA SER B 63 1.58 13.41 17.15
C SER B 63 0.99 12.03 16.84
N VAL B 64 1.80 11.08 16.38
CA VAL B 64 1.35 9.73 16.07
C VAL B 64 2.10 8.66 16.84
N LYS B 65 3.04 9.05 17.70
CA LYS B 65 3.78 8.07 18.50
C LYS B 65 2.81 7.21 19.30
N GLY B 66 2.93 5.90 19.12
CA GLY B 66 2.08 4.96 19.80
C GLY B 66 0.88 4.53 19.00
N ARG B 67 0.46 5.34 18.03
CA ARG B 67 -0.70 5.00 17.21
C ARG B 67 -0.34 4.39 15.87
N PHE B 68 0.83 4.72 15.31
CA PHE B 68 1.23 4.23 14.00
C PHE B 68 2.39 3.26 14.17
N THR B 69 2.42 2.20 13.35
CA THR B 69 3.53 1.26 13.33
C THR B 69 3.90 0.93 11.89
N SER B 70 5.20 0.80 11.64
CA SER B 70 5.76 0.52 10.34
C SER B 70 6.20 -0.93 10.23
N SER B 71 6.26 -1.39 8.99
CA SER B 71 6.84 -2.68 8.66
C SER B 71 7.34 -2.60 7.22
N ARG B 72 8.19 -3.54 6.87
CA ARG B 72 8.83 -3.51 5.57
C ARG B 72 9.01 -4.96 5.11
N ASP B 73 8.93 -5.19 3.80
CA ASP B 73 9.11 -6.54 3.24
C ASP B 73 10.03 -6.46 2.01
N ASN B 74 11.34 -6.56 2.22
CA ASN B 74 12.25 -6.37 1.09
C ASN B 74 12.18 -7.47 0.04
N THR B 75 11.53 -8.61 0.32
CA THR B 75 11.39 -9.64 -0.72
C THR B 75 10.33 -9.26 -1.73
N LYS B 76 9.47 -8.31 -1.39
CA LYS B 76 8.41 -7.87 -2.28
C LYS B 76 8.48 -6.36 -2.53
N ASN B 77 9.62 -5.74 -2.23
CA ASN B 77 9.86 -4.31 -2.49
C ASN B 77 8.74 -3.44 -1.93
N SER B 78 8.27 -3.81 -0.75
CA SER B 78 7.06 -3.25 -0.17
C SER B 78 7.33 -2.64 1.20
N LEU B 79 6.67 -1.52 1.44
CA LEU B 79 6.73 -0.77 2.68
C LEU B 79 5.31 -0.61 3.22
N PHE B 80 5.15 -0.69 4.54
CA PHE B 80 3.81 -0.66 5.13
C PHE B 80 3.73 0.36 6.25
N LEU B 81 2.50 0.84 6.50
CA LEU B 81 2.21 1.76 7.59
C LEU B 81 0.86 1.40 8.18
N GLN B 82 0.83 1.09 9.46
CA GLN B 82 -0.38 0.71 10.18
C GLN B 82 -0.87 1.92 10.99
N LEU B 83 -2.09 2.38 10.72
CA LEU B 83 -2.67 3.52 11.44
C LEU B 83 -3.73 3.03 12.42
N ASN B 84 -3.49 3.21 13.72
CA ASN B 84 -4.41 2.77 14.76
C ASN B 84 -5.00 3.98 15.50
N SER B 85 -6.17 3.76 16.10
CA SER B 85 -6.86 4.81 16.89
C SER B 85 -6.91 6.12 16.12
N LEU B 86 -7.45 6.04 14.91
CA LEU B 86 -7.41 7.17 13.99
C LEU B 86 -8.20 8.35 14.54
N ARG B 87 -7.59 9.53 14.49
CA ARG B 87 -8.22 10.78 14.86
C ARG B 87 -8.62 11.55 13.60
N ALA B 88 -9.46 12.56 13.79
CA ALA B 88 -9.89 13.38 12.66
C ALA B 88 -8.69 14.06 12.01
N GLU B 89 -7.73 14.51 12.80
CA GLU B 89 -6.56 15.21 12.28
C GLU B 89 -5.61 14.31 11.51
N ASP B 90 -5.89 13.00 11.45
CA ASP B 90 -5.10 12.10 10.62
C ASP B 90 -5.57 12.11 9.17
N THR B 91 -6.67 12.79 8.88
CA THR B 91 -7.15 12.88 7.51
C THR B 91 -6.15 13.62 6.64
N GLY B 92 -5.90 13.07 5.47
CA GLY B 92 -4.98 13.68 4.52
C GLY B 92 -4.48 12.66 3.52
N ILE B 93 -3.62 13.16 2.63
CA ILE B 93 -3.00 12.31 1.61
C ILE B 93 -1.70 11.77 2.18
N TYR B 94 -1.54 10.45 2.16
CA TYR B 94 -0.34 9.83 2.69
C TYR B 94 0.59 9.45 1.54
N TYR B 95 1.76 10.07 1.52
CA TYR B 95 2.73 9.88 0.46
C TYR B 95 3.85 8.96 0.90
N CYS B 96 4.25 8.08 0.01
CA CYS B 96 5.40 7.23 0.23
C CYS B 96 6.59 7.90 -0.46
N THR B 97 7.64 8.20 0.29
CA THR B 97 8.79 8.91 -0.22
C THR B 97 10.05 8.10 0.01
N ARG B 98 11.08 8.36 -0.81
CA ARG B 98 12.31 7.60 -0.76
C ARG B 98 13.43 8.45 -0.17
N ASP B 99 14.24 7.81 0.66
CA ASP B 99 15.51 8.32 1.14
C ASP B 99 15.37 9.63 1.90
N PRO B 100 14.81 9.62 3.11
CA PRO B 100 14.93 10.81 3.97
C PRO B 100 16.38 10.99 4.34
N PRO B 101 16.83 12.25 4.53
CA PRO B 101 16.05 13.48 4.42
C PRO B 101 16.06 14.10 3.02
N TYR B 102 16.27 13.27 2.01
CA TYR B 102 16.30 13.84 0.66
C TYR B 102 14.92 13.82 0.02
N PHE B 103 14.13 12.77 0.27
CA PHE B 103 12.79 12.63 -0.30
C PHE B 103 12.83 12.90 -1.80
N ASP B 104 13.75 12.21 -2.49
CA ASP B 104 13.98 12.50 -3.90
C ASP B 104 12.88 11.97 -4.82
N ASN B 105 12.07 11.03 -4.35
CA ASN B 105 10.99 10.46 -5.14
C ASN B 105 9.76 10.28 -4.27
N TRP B 106 8.59 10.58 -4.85
CA TRP B 106 7.32 10.49 -4.14
C TRP B 106 6.35 9.63 -4.92
N GLY B 107 5.48 8.94 -4.20
CA GLY B 107 4.35 8.27 -4.80
C GLY B 107 3.25 9.26 -5.16
N GLN B 108 2.21 8.73 -5.79
CA GLN B 108 1.07 9.58 -6.12
C GLN B 108 0.18 9.84 -4.92
N GLY B 109 0.33 9.08 -3.85
CA GLY B 109 -0.43 9.32 -2.65
C GLY B 109 -1.67 8.46 -2.57
N THR B 110 -2.17 8.31 -1.35
CA THR B 110 -3.44 7.64 -1.10
C THR B 110 -4.21 8.40 -0.02
N LEU B 111 -5.52 8.52 -0.19
CA LEU B 111 -6.33 9.38 0.68
C LEU B 111 -6.87 8.60 1.87
N VAL B 112 -6.66 9.15 3.07
CA VAL B 112 -7.24 8.62 4.31
C VAL B 112 -8.27 9.63 4.78
N THR B 113 -9.51 9.18 4.91
CA THR B 113 -10.63 10.00 5.36
C THR B 113 -11.12 9.40 6.67
N VAL B 114 -10.96 10.13 7.76
CA VAL B 114 -11.41 9.68 9.06
C VAL B 114 -12.78 10.29 9.30
N SER B 115 -13.81 9.45 9.29
CA SER B 115 -15.18 9.92 9.40
C SER B 115 -16.09 8.79 9.82
N SER B 116 -17.11 9.13 10.60
CA SER B 116 -18.14 8.18 10.97
C SER B 116 -19.15 7.96 9.86
N ALA B 117 -19.20 8.85 8.86
CA ALA B 117 -20.12 8.70 7.74
C ALA B 117 -19.87 7.39 6.99
N SER B 118 -20.84 6.99 6.18
CA SER B 118 -20.82 5.74 5.43
C SER B 118 -20.54 5.99 3.96
N THR B 119 -20.00 4.96 3.29
CA THR B 119 -19.70 5.05 1.87
C THR B 119 -21.00 5.18 1.07
N LYS B 120 -21.01 6.09 0.11
CA LYS B 120 -22.18 6.31 -0.74
C LYS B 120 -21.77 6.27 -2.21
N GLY B 121 -22.56 5.59 -3.03
CA GLY B 121 -22.32 5.55 -4.46
C GLY B 121 -22.87 6.76 -5.19
N PRO B 122 -22.20 7.18 -6.26
CA PRO B 122 -22.61 8.38 -6.99
C PRO B 122 -23.73 8.14 -8.00
N SER B 123 -24.53 9.18 -8.20
CA SER B 123 -25.52 9.23 -9.27
C SER B 123 -24.94 10.05 -10.40
N VAL B 124 -24.80 9.45 -11.58
CA VAL B 124 -24.21 10.11 -12.74
C VAL B 124 -25.32 10.54 -13.69
N PHE B 125 -25.44 11.85 -13.92
CA PHE B 125 -26.44 12.45 -14.79
C PHE B 125 -25.81 13.31 -15.87
N PRO B 126 -26.30 13.26 -17.11
CA PRO B 126 -25.72 14.06 -18.18
C PRO B 126 -26.05 15.54 -18.03
N LEU B 127 -25.09 16.38 -18.43
CA LEU B 127 -25.31 17.82 -18.58
C LEU B 127 -25.34 18.08 -20.08
N ALA B 128 -26.51 17.92 -20.67
CA ALA B 128 -26.63 17.91 -22.13
C ALA B 128 -26.36 19.30 -22.71
N PRO B 129 -25.74 19.38 -23.89
CA PRO B 129 -25.67 20.65 -24.61
C PRO B 129 -26.90 20.88 -25.46
N SER B 130 -27.25 22.15 -25.61
CA SER B 130 -28.40 22.51 -26.42
C SER B 130 -28.14 23.87 -27.05
N SER B 131 -29.03 24.26 -27.96
CA SER B 131 -28.90 25.56 -28.61
C SER B 131 -29.61 26.66 -27.82
N GLY B 136 -22.73 29.69 -29.71
CA GLY B 136 -22.05 30.16 -30.90
C GLY B 136 -21.46 29.06 -31.74
N GLY B 137 -20.13 29.02 -31.82
CA GLY B 137 -19.40 27.95 -32.46
C GLY B 137 -18.78 26.98 -31.49
N THR B 138 -19.16 27.02 -30.21
CA THR B 138 -18.60 26.13 -29.20
C THR B 138 -19.73 25.69 -28.28
N ALA B 139 -19.88 24.37 -28.16
CA ALA B 139 -20.84 23.75 -27.28
C ALA B 139 -20.16 23.24 -26.02
N ALA B 140 -20.81 23.43 -24.88
CA ALA B 140 -20.34 22.90 -23.62
C ALA B 140 -21.23 21.73 -23.22
N LEU B 141 -20.61 20.61 -22.82
CA LEU B 141 -21.35 19.45 -22.35
C LEU B 141 -20.58 18.85 -21.19
N GLY B 142 -21.31 18.19 -20.29
CA GLY B 142 -20.69 17.67 -19.09
C GLY B 142 -21.39 16.49 -18.44
N CYS B 143 -20.98 16.18 -17.21
CA CYS B 143 -21.52 15.06 -16.43
C CYS B 143 -21.60 15.50 -14.98
N LEU B 144 -22.72 15.21 -14.35
CA LEU B 144 -22.93 15.52 -12.95
C LEU B 144 -22.80 14.23 -12.13
N VAL B 145 -21.83 14.21 -11.22
CA VAL B 145 -21.60 13.07 -10.32
C VAL B 145 -22.08 13.52 -8.94
N LYS B 146 -23.27 13.07 -8.54
CA LYS B 146 -23.90 13.63 -7.35
C LYS B 146 -23.99 12.59 -6.23
N ASP B 147 -23.98 13.11 -4.99
CA ASP B 147 -24.25 12.35 -3.76
C ASP B 147 -23.36 11.11 -3.62
N TYR B 148 -22.07 11.38 -3.42
CA TYR B 148 -21.10 10.32 -3.17
C TYR B 148 -20.23 10.67 -1.96
N PHE B 149 -19.72 9.64 -1.30
CA PHE B 149 -18.83 9.81 -0.16
C PHE B 149 -18.10 8.49 0.05
N PRO B 150 -16.79 8.50 0.32
CA PRO B 150 -15.94 9.69 0.40
C PRO B 150 -15.36 10.04 -0.96
N GLU B 151 -14.28 10.80 -0.96
CA GLU B 151 -13.54 11.06 -2.17
C GLU B 151 -12.49 9.99 -2.36
N PRO B 152 -11.90 9.85 -3.55
CA PRO B 152 -11.99 10.65 -4.76
C PRO B 152 -12.88 10.10 -5.86
N VAL B 153 -13.19 10.96 -6.83
CA VAL B 153 -13.83 10.57 -8.08
C VAL B 153 -12.95 11.04 -9.22
N THR B 154 -12.73 10.17 -10.21
CA THR B 154 -11.99 10.51 -11.42
C THR B 154 -12.90 10.43 -12.63
N VAL B 155 -12.90 11.49 -13.45
CA VAL B 155 -13.70 11.56 -14.67
C VAL B 155 -12.76 11.67 -15.87
N SER B 156 -13.03 10.88 -16.91
CA SER B 156 -12.34 10.98 -18.19
C SER B 156 -13.37 11.00 -19.31
N TRP B 157 -12.95 11.46 -20.49
CA TRP B 157 -13.83 11.60 -21.64
C TRP B 157 -13.33 10.77 -22.81
N ASN B 158 -14.21 9.92 -23.32
CA ASN B 158 -13.89 8.99 -24.41
C ASN B 158 -12.69 8.11 -24.05
N SER B 159 -12.60 7.72 -22.78
CA SER B 159 -11.55 6.84 -22.28
C SER B 159 -10.18 7.47 -22.43
N GLY B 160 -10.11 8.79 -22.25
CA GLY B 160 -8.87 9.53 -22.33
C GLY B 160 -8.58 10.13 -23.69
N ALA B 161 -9.30 9.70 -24.73
CA ALA B 161 -9.10 10.23 -26.08
C ALA B 161 -9.47 11.70 -26.19
N LEU B 162 -10.32 12.20 -25.29
CA LEU B 162 -10.72 13.61 -25.28
C LEU B 162 -10.13 14.23 -24.03
N THR B 163 -9.21 15.14 -24.22
CA THR B 163 -8.54 15.77 -23.11
C THR B 163 -8.57 17.29 -23.20
N SER B 164 -8.47 17.85 -24.40
CA SER B 164 -8.43 19.29 -24.52
C SER B 164 -9.81 19.89 -24.28
N GLY B 165 -9.89 20.90 -23.41
CA GLY B 165 -11.13 21.52 -23.06
C GLY B 165 -11.84 20.92 -21.87
N VAL B 166 -11.32 19.84 -21.30
CA VAL B 166 -11.97 19.20 -20.16
C VAL B 166 -11.65 19.97 -18.88
N HIS B 167 -12.67 20.17 -18.07
CA HIS B 167 -12.56 20.71 -16.72
C HIS B 167 -13.38 19.83 -15.80
N THR B 168 -12.71 19.08 -14.92
CA THR B 168 -13.36 18.32 -13.86
C THR B 168 -13.21 19.11 -12.57
N PHE B 169 -14.31 19.66 -12.07
CA PHE B 169 -14.21 20.60 -10.97
C PHE B 169 -13.87 19.87 -9.67
N PRO B 170 -13.35 20.61 -8.69
CA PRO B 170 -13.20 20.03 -7.36
C PRO B 170 -14.55 19.76 -6.73
N ALA B 171 -14.61 18.71 -5.92
CA ALA B 171 -15.85 18.35 -5.25
C ALA B 171 -16.25 19.42 -4.23
N VAL B 172 -17.55 19.46 -3.94
CA VAL B 172 -18.10 20.32 -2.90
C VAL B 172 -18.84 19.43 -1.92
N LEU B 173 -18.75 19.76 -0.64
CA LEU B 173 -19.47 19.04 0.39
C LEU B 173 -20.85 19.67 0.52
N GLN B 174 -21.88 18.91 0.16
CA GLN B 174 -23.23 19.44 0.25
C GLN B 174 -23.67 19.45 1.71
N SER B 175 -24.73 20.22 1.99
CA SER B 175 -25.29 20.28 3.33
C SER B 175 -25.70 18.90 3.83
N SER B 176 -26.05 18.00 2.91
CA SER B 176 -26.38 16.63 3.27
C SER B 176 -25.22 15.90 3.91
N GLY B 177 -23.99 16.36 3.69
CA GLY B 177 -22.82 15.60 4.07
C GLY B 177 -22.26 14.72 2.97
N LEU B 178 -22.68 14.92 1.73
CA LEU B 178 -22.20 14.16 0.60
C LEU B 178 -21.56 15.10 -0.41
N TYR B 179 -20.58 14.57 -1.12
CA TYR B 179 -19.88 15.35 -2.12
C TYR B 179 -20.65 15.34 -3.44
N SER B 180 -20.30 16.28 -4.30
CA SER B 180 -20.87 16.34 -5.65
C SER B 180 -19.95 17.19 -6.50
N LEU B 181 -19.55 16.69 -7.67
CA LEU B 181 -18.73 17.47 -8.60
C LEU B 181 -19.28 17.36 -10.03
N SER B 182 -18.77 18.23 -10.90
CA SER B 182 -19.15 18.21 -12.30
C SER B 182 -17.90 18.21 -13.16
N SER B 183 -17.95 17.44 -14.25
CA SER B 183 -16.89 17.44 -15.24
C SER B 183 -17.50 17.93 -16.54
N VAL B 184 -16.93 19.00 -17.10
CA VAL B 184 -17.40 19.63 -18.32
C VAL B 184 -16.30 19.58 -19.36
N VAL B 185 -16.70 19.60 -20.63
CA VAL B 185 -15.76 19.73 -21.74
C VAL B 185 -16.42 20.61 -22.81
N THR B 186 -15.65 21.56 -23.34
CA THR B 186 -16.10 22.40 -24.45
C THR B 186 -15.64 21.81 -25.78
N VAL B 187 -16.57 21.67 -26.71
CA VAL B 187 -16.28 21.03 -28.00
C VAL B 187 -16.92 21.88 -29.10
N PRO B 188 -16.42 21.75 -30.34
CA PRO B 188 -17.05 22.47 -31.45
C PRO B 188 -18.51 22.07 -31.60
N SER B 189 -19.38 23.06 -31.73
CA SER B 189 -20.81 22.77 -31.79
C SER B 189 -21.17 22.00 -33.05
N SER B 190 -20.34 22.08 -34.09
CA SER B 190 -20.57 21.38 -35.34
C SER B 190 -20.26 19.89 -35.26
N SER B 191 -19.81 19.40 -34.11
CA SER B 191 -19.46 18.00 -33.96
C SER B 191 -20.32 17.34 -32.89
N LEU B 192 -21.55 17.82 -32.73
CA LEU B 192 -22.48 17.25 -31.75
C LEU B 192 -23.24 16.07 -32.33
N GLY B 193 -23.62 16.17 -33.59
CA GLY B 193 -24.23 15.06 -34.30
C GLY B 193 -23.22 14.22 -35.05
N THR B 194 -21.93 14.36 -34.74
CA THR B 194 -20.89 13.61 -35.42
C THR B 194 -20.02 12.84 -34.44
N GLN B 195 -19.40 13.50 -33.48
CA GLN B 195 -18.57 12.83 -32.49
C GLN B 195 -19.39 12.47 -31.26
N THR B 196 -19.23 11.24 -30.79
CA THR B 196 -19.88 10.78 -29.58
C THR B 196 -19.03 11.17 -28.37
N TYR B 197 -19.69 11.64 -27.31
CA TYR B 197 -19.01 12.04 -26.08
C TYR B 197 -19.49 11.18 -24.92
N ILE B 198 -18.55 10.48 -24.29
CA ILE B 198 -18.83 9.58 -23.17
C ILE B 198 -17.99 10.04 -21.97
N CYS B 199 -18.63 10.23 -20.82
CA CYS B 199 -17.90 10.54 -19.61
C CYS B 199 -17.72 9.25 -18.82
N ASN B 200 -16.47 9.00 -18.39
CA ASN B 200 -16.08 7.78 -17.68
C ASN B 200 -15.86 8.13 -16.21
N VAL B 201 -16.87 7.90 -15.38
CA VAL B 201 -16.79 8.20 -13.95
C VAL B 201 -16.27 6.98 -13.18
N ASN B 202 -15.44 7.23 -12.17
CA ASN B 202 -14.88 6.20 -11.31
C ASN B 202 -14.99 6.63 -9.86
N HIS B 203 -15.65 5.82 -9.04
CA HIS B 203 -15.68 5.98 -7.59
C HIS B 203 -15.32 4.62 -6.98
N LYS B 204 -14.02 4.35 -6.89
CA LYS B 204 -13.57 3.05 -6.38
C LYS B 204 -14.00 2.75 -4.93
N PRO B 205 -14.12 3.73 -4.03
CA PRO B 205 -14.65 3.40 -2.69
C PRO B 205 -15.97 2.64 -2.71
N SER B 206 -16.90 3.00 -3.62
CA SER B 206 -18.17 2.31 -3.72
C SER B 206 -18.22 1.38 -4.92
N ASN B 207 -17.08 1.07 -5.51
CA ASN B 207 -17.00 0.15 -6.65
C ASN B 207 -17.94 0.55 -7.78
N THR B 208 -18.04 1.85 -8.03
CA THR B 208 -18.93 2.38 -9.05
C THR B 208 -18.14 2.79 -10.29
N LYS B 209 -18.61 2.33 -11.47
CA LYS B 209 -18.00 2.76 -12.73
C LYS B 209 -19.13 3.04 -13.72
N VAL B 210 -19.24 4.29 -14.17
CA VAL B 210 -20.28 4.73 -15.10
C VAL B 210 -19.63 5.25 -16.38
N ASP B 211 -20.09 4.74 -17.53
CA ASP B 211 -19.76 5.27 -18.86
C ASP B 211 -21.02 5.79 -19.54
N LYS B 212 -21.35 7.06 -19.31
CA LYS B 212 -22.59 7.67 -19.81
C LYS B 212 -22.33 8.44 -21.11
N LYS B 213 -23.04 8.06 -22.17
CA LYS B 213 -23.00 8.86 -23.37
C LYS B 213 -23.81 10.14 -23.14
N VAL B 214 -23.23 11.28 -23.53
CA VAL B 214 -23.89 12.58 -23.43
C VAL B 214 -24.22 13.03 -24.84
N GLU B 215 -25.50 13.27 -25.10
CA GLU B 215 -26.02 13.66 -26.39
C GLU B 215 -26.94 14.86 -26.19
N PRO B 216 -27.17 15.66 -27.24
CA PRO B 216 -28.00 16.84 -27.07
C PRO B 216 -29.48 16.48 -26.97
N LYS B 217 -30.30 17.51 -26.72
CA LYS B 217 -31.76 17.37 -26.60
C LYS B 217 -32.17 16.39 -25.51
N SER C 4 36.36 19.92 9.08
CA SER C 4 35.99 19.31 7.80
C SER C 4 35.47 17.88 7.95
N SER C 5 34.15 17.71 7.87
CA SER C 5 33.50 16.41 7.88
C SER C 5 33.10 15.96 6.48
N SER C 6 32.89 14.64 6.32
CA SER C 6 32.35 14.02 5.12
C SER C 6 30.82 14.04 5.24
N GLY C 7 30.11 13.31 4.40
CA GLY C 7 28.65 13.35 4.41
C GLY C 7 28.02 12.22 5.23
N SER C 8 27.14 12.62 6.15
CA SER C 8 26.36 11.68 6.96
C SER C 8 24.97 12.24 7.23
N PRO C 9 24.00 11.99 6.34
CA PRO C 9 22.67 12.61 6.51
C PRO C 9 22.00 12.14 7.78
N PRO C 10 21.22 13.02 8.42
CA PRO C 10 20.47 12.65 9.64
C PRO C 10 19.17 11.93 9.31
N ARG C 11 19.13 10.63 9.61
CA ARG C 11 17.94 9.82 9.38
C ARG C 11 17.32 9.27 10.66
N ARG C 12 18.01 9.34 11.80
CA ARG C 12 17.44 8.89 13.06
C ARG C 12 17.50 10.03 14.06
N PRO C 13 16.58 10.06 15.04
CA PRO C 13 16.54 11.19 15.96
C PRO C 13 17.82 11.29 16.76
N PRO C 14 18.17 12.48 17.24
CA PRO C 14 19.38 12.62 18.03
C PRO C 14 19.24 11.89 19.36
N PRO C 15 20.34 11.44 19.95
CA PRO C 15 20.24 10.83 21.28
C PRO C 15 19.91 11.89 22.31
N GLY C 16 19.08 11.53 23.27
CA GLY C 16 18.69 12.42 24.33
C GLY C 16 17.38 13.16 24.14
N ARG C 17 16.51 12.68 23.24
CA ARG C 17 15.19 13.26 23.03
C ARG C 17 14.27 13.00 24.23
N ASP D 1 -11.14 1.20 18.55
CA ASP D 1 -10.53 -0.11 18.68
C ASP D 1 -9.42 -0.13 19.71
N VAL D 2 -9.33 -1.22 20.46
CA VAL D 2 -8.30 -1.38 21.47
C VAL D 2 -6.99 -1.76 20.79
N VAL D 3 -5.91 -1.05 21.13
CA VAL D 3 -4.61 -1.27 20.55
C VAL D 3 -3.76 -2.07 21.52
N LEU D 4 -3.19 -3.18 21.05
CA LEU D 4 -2.34 -4.02 21.86
C LEU D 4 -0.89 -3.80 21.43
N THR D 5 -0.12 -3.21 22.31
CA THR D 5 1.27 -2.89 22.02
C THR D 5 2.15 -3.98 22.59
N GLN D 6 2.88 -4.67 21.72
CA GLN D 6 3.78 -5.72 22.15
C GLN D 6 5.20 -5.20 22.25
N SER D 7 5.94 -5.71 23.25
CA SER D 7 7.33 -5.32 23.48
C SER D 7 8.13 -6.44 24.12
N PRO D 8 9.31 -6.80 23.58
CA PRO D 8 9.92 -6.24 22.37
C PRO D 8 9.27 -6.82 21.12
N LEU D 9 9.51 -6.21 19.96
CA LEU D 9 9.00 -6.75 18.70
C LEU D 9 9.93 -7.77 18.08
N SER D 10 11.25 -7.59 18.22
CA SER D 10 12.24 -8.58 17.81
C SER D 10 12.98 -9.05 19.04
N LEU D 11 12.97 -10.37 19.28
CA LEU D 11 13.48 -10.96 20.51
C LEU D 11 14.47 -12.07 20.18
N PRO D 12 15.75 -11.74 19.97
CA PRO D 12 16.78 -12.78 19.81
C PRO D 12 17.25 -13.27 21.17
N VAL D 13 17.10 -14.57 21.41
CA VAL D 13 17.36 -15.17 22.72
C VAL D 13 18.45 -16.21 22.56
N ILE D 14 19.40 -16.20 23.50
CA ILE D 14 20.36 -17.28 23.57
C ILE D 14 19.63 -18.56 23.95
N LEU D 15 19.96 -19.65 23.27
CA LEU D 15 19.28 -20.92 23.52
C LEU D 15 19.34 -21.28 24.98
N GLY D 16 18.17 -21.59 25.56
CA GLY D 16 18.07 -21.94 26.96
C GLY D 16 17.76 -20.78 27.88
N GLN D 17 17.96 -19.55 27.42
CA GLN D 17 17.67 -18.39 28.25
C GLN D 17 16.17 -18.25 28.45
N PRO D 18 15.74 -17.62 29.55
CA PRO D 18 14.33 -17.23 29.67
C PRO D 18 14.02 -16.06 28.74
N ALA D 19 12.73 -15.86 28.51
CA ALA D 19 12.27 -14.75 27.68
C ALA D 19 10.93 -14.27 28.20
N SER D 20 10.63 -13.00 27.91
CA SER D 20 9.37 -12.39 28.34
C SER D 20 8.88 -11.46 27.24
N ILE D 21 7.61 -11.60 26.87
CA ILE D 21 6.98 -10.74 25.87
C ILE D 21 5.87 -9.95 26.54
N SER D 22 5.91 -8.64 26.38
CA SER D 22 4.94 -7.77 27.02
C SER D 22 3.85 -7.37 26.04
N CYS D 23 2.63 -7.23 26.57
CA CYS D 23 1.47 -6.80 25.80
C CYS D 23 0.75 -5.76 26.66
N ARG D 24 0.73 -4.52 26.21
CA ARG D 24 0.14 -3.41 26.94
C ARG D 24 -1.13 -3.00 26.23
N SER D 25 -2.24 -2.98 26.97
CA SER D 25 -3.54 -2.67 26.38
C SER D 25 -3.85 -1.19 26.50
N SER D 26 -4.59 -0.66 25.54
CA SER D 26 -5.03 0.72 25.61
C SER D 26 -6.26 0.92 26.50
N GLN D 27 -6.95 -0.16 26.90
CA GLN D 27 -8.12 -0.06 27.76
C GLN D 27 -8.09 -1.19 28.79
N SER D 28 -9.10 -1.19 29.67
CA SER D 28 -9.03 -1.99 30.90
C SER D 28 -8.98 -3.49 30.65
N LEU D 29 -9.66 -3.99 29.62
CA LEU D 29 -9.66 -5.39 29.19
C LEU D 29 -10.35 -6.34 30.17
N VAL D 30 -10.91 -5.86 31.27
CA VAL D 30 -11.71 -6.69 32.15
C VAL D 30 -13.16 -6.62 31.71
N TYR D 31 -13.71 -7.76 31.29
CA TYR D 31 -15.05 -7.75 30.73
C TYR D 31 -16.09 -7.58 31.84
N SER D 32 -17.35 -7.32 31.43
CA SER D 32 -18.41 -7.06 32.40
C SER D 32 -18.72 -8.28 33.27
N ASP D 33 -18.38 -9.48 32.81
CA ASP D 33 -18.56 -10.69 33.61
C ASP D 33 -17.36 -10.97 34.50
N GLY D 34 -16.43 -10.03 34.61
CA GLY D 34 -15.27 -10.19 35.45
C GLY D 34 -14.10 -10.89 34.80
N ARG D 35 -14.32 -11.60 33.70
CA ARG D 35 -13.25 -12.32 33.03
C ARG D 35 -12.47 -11.35 32.15
N THR D 36 -11.21 -11.68 31.92
CA THR D 36 -10.34 -10.91 31.03
C THR D 36 -10.00 -11.77 29.83
N TYR D 37 -10.53 -11.40 28.67
CA TYR D 37 -10.38 -12.22 27.47
C TYR D 37 -9.13 -11.77 26.72
N LEU D 38 -7.98 -12.29 27.20
CA LEU D 38 -6.68 -12.08 26.59
C LEU D 38 -6.06 -13.42 26.21
N ASN D 39 -5.69 -13.57 24.94
CA ASN D 39 -5.10 -14.81 24.42
C ASN D 39 -3.69 -14.56 23.90
N TRP D 40 -2.94 -15.64 23.76
CA TRP D 40 -1.60 -15.62 23.18
C TRP D 40 -1.52 -16.71 22.12
N PHE D 41 -1.06 -16.35 20.92
CA PHE D 41 -0.97 -17.27 19.80
C PHE D 41 0.46 -17.38 19.30
N GLN D 42 0.81 -18.54 18.75
CA GLN D 42 2.15 -18.79 18.24
C GLN D 42 2.10 -19.19 16.77
N GLN D 43 2.76 -18.40 15.92
CA GLN D 43 2.85 -18.72 14.50
C GLN D 43 4.27 -19.18 14.21
N ARG D 44 4.46 -20.49 14.14
CA ARG D 44 5.74 -21.07 13.80
C ARG D 44 5.95 -20.98 12.29
N PRO D 45 7.20 -20.98 11.83
CA PRO D 45 7.46 -20.74 10.40
C PRO D 45 6.69 -21.71 9.51
N GLY D 46 6.04 -21.14 8.49
CA GLY D 46 5.28 -21.92 7.52
C GLY D 46 3.95 -22.43 8.03
N GLN D 47 3.53 -22.04 9.22
CA GLN D 47 2.31 -22.54 9.81
C GLN D 47 1.33 -21.41 10.12
N SER D 48 0.11 -21.81 10.42
CA SER D 48 -0.91 -20.90 10.90
C SER D 48 -0.70 -20.65 12.38
N PRO D 49 -1.29 -19.58 12.92
CA PRO D 49 -1.22 -19.38 14.37
C PRO D 49 -1.86 -20.56 15.09
N ARG D 50 -1.39 -20.80 16.31
CA ARG D 50 -2.02 -21.78 17.20
C ARG D 50 -2.10 -21.17 18.59
N ARG D 51 -3.20 -21.44 19.28
CA ARG D 51 -3.41 -20.86 20.60
C ARG D 51 -2.46 -21.50 21.61
N LEU D 52 -1.81 -20.66 22.43
CA LEU D 52 -0.97 -21.07 23.55
C LEU D 52 -1.65 -20.82 24.90
N ILE D 53 -2.10 -19.59 25.10
CA ILE D 53 -2.69 -19.15 26.35
C ILE D 53 -4.01 -18.49 26.01
N TYR D 54 -5.01 -18.73 26.86
CA TYR D 54 -6.29 -18.03 26.82
C TYR D 54 -6.63 -17.57 28.22
N LYS D 55 -7.37 -16.47 28.31
CA LYS D 55 -7.78 -15.83 29.57
C LYS D 55 -6.60 -15.58 30.51
N ILE D 56 -5.65 -14.77 30.01
CA ILE D 56 -4.49 -14.27 30.74
C ILE D 56 -3.48 -15.38 31.01
N SER D 57 -3.92 -16.48 31.62
CA SER D 57 -2.97 -17.46 32.13
C SER D 57 -3.28 -18.90 31.81
N LYS D 58 -4.41 -19.21 31.18
CA LYS D 58 -4.79 -20.59 30.97
C LYS D 58 -4.09 -21.15 29.72
N ARG D 59 -3.33 -22.22 29.92
CA ARG D 59 -2.54 -22.83 28.86
C ARG D 59 -3.32 -23.92 28.14
N ASP D 60 -3.14 -24.01 26.82
CA ASP D 60 -3.79 -25.05 26.05
C ASP D 60 -3.19 -26.41 26.34
N SER D 61 -3.95 -27.45 26.04
CA SER D 61 -3.53 -28.79 26.41
C SER D 61 -2.30 -29.22 25.60
N GLY D 62 -2.22 -28.84 24.35
CA GLY D 62 -1.10 -29.24 23.54
C GLY D 62 0.12 -28.35 23.66
N VAL D 63 0.17 -27.48 24.66
CA VAL D 63 1.24 -26.48 24.76
C VAL D 63 2.26 -26.92 25.81
N PRO D 64 3.56 -26.78 25.54
CA PRO D 64 4.57 -27.16 26.54
C PRO D 64 4.45 -26.33 27.80
N GLU D 65 4.89 -26.91 28.91
CA GLU D 65 4.72 -26.30 30.22
C GLU D 65 5.59 -25.05 30.41
N ARG D 66 6.68 -24.90 29.65
CA ARG D 66 7.53 -23.74 29.83
C ARG D 66 6.84 -22.43 29.45
N PHE D 67 5.68 -22.51 28.81
CA PHE D 67 4.90 -21.32 28.47
C PHE D 67 3.93 -21.03 29.61
N SER D 68 3.88 -19.77 30.02
CA SER D 68 2.94 -19.32 31.02
C SER D 68 2.53 -17.91 30.64
N GLY D 69 1.41 -17.47 31.24
CA GLY D 69 0.92 -16.13 31.02
C GLY D 69 0.58 -15.51 32.37
N SER D 70 0.58 -14.17 32.38
CA SER D 70 0.29 -13.42 33.60
C SER D 70 -0.16 -12.02 33.22
N GLY D 71 -0.55 -11.26 34.24
CA GLY D 71 -0.92 -9.87 34.08
C GLY D 71 -2.37 -9.63 34.47
N SER D 72 -2.76 -8.37 34.35
CA SER D 72 -4.11 -7.92 34.68
C SER D 72 -4.27 -6.49 34.23
N GLY D 73 -5.51 -6.10 34.00
CA GLY D 73 -5.79 -4.74 33.60
C GLY D 73 -5.28 -4.44 32.21
N THR D 74 -4.20 -3.65 32.10
CA THR D 74 -3.68 -3.26 30.80
C THR D 74 -2.32 -3.84 30.47
N ASP D 75 -1.66 -4.52 31.42
CA ASP D 75 -0.33 -5.08 31.21
C ASP D 75 -0.38 -6.58 31.30
N PHE D 76 0.14 -7.26 30.28
CA PHE D 76 0.14 -8.71 30.25
C PHE D 76 1.49 -9.21 29.76
N THR D 77 1.80 -10.46 30.09
CA THR D 77 3.13 -11.01 29.85
C THR D 77 3.04 -12.47 29.43
N LEU D 78 3.76 -12.81 28.36
CA LEU D 78 4.03 -14.19 28.00
C LEU D 78 5.43 -14.53 28.46
N GLU D 79 5.57 -15.55 29.28
CA GLU D 79 6.86 -15.94 29.82
C GLU D 79 7.25 -17.31 29.27
N ILE D 80 8.50 -17.42 28.85
CA ILE D 80 9.08 -18.69 28.41
C ILE D 80 10.25 -18.96 29.35
N SER D 81 10.11 -19.99 30.19
CA SER D 81 11.10 -20.27 31.22
C SER D 81 12.44 -20.69 30.63
N ARG D 82 12.42 -21.39 29.50
CA ARG D 82 13.63 -21.85 28.84
C ARG D 82 13.31 -21.92 27.36
N VAL D 83 13.91 -21.06 26.55
CA VAL D 83 13.57 -20.96 25.14
C VAL D 83 14.29 -22.07 24.38
N GLU D 84 13.52 -22.95 23.74
CA GLU D 84 14.03 -24.06 22.93
C GLU D 84 14.10 -23.69 21.46
N ALA D 85 14.91 -24.44 20.70
CA ALA D 85 15.10 -24.15 19.28
C ALA D 85 13.79 -24.19 18.51
N GLU D 86 12.87 -25.04 18.94
CA GLU D 86 11.59 -25.14 18.26
C GLU D 86 10.64 -24.00 18.60
N ASP D 87 11.05 -23.07 19.48
CA ASP D 87 10.20 -21.96 19.86
C ASP D 87 10.28 -20.78 18.89
N VAL D 88 11.04 -20.90 17.80
CA VAL D 88 11.15 -19.83 16.82
C VAL D 88 9.81 -19.63 16.12
N GLY D 89 9.45 -18.36 15.94
CA GLY D 89 8.16 -18.01 15.36
C GLY D 89 7.78 -16.60 15.79
N ILE D 90 6.52 -16.26 15.52
CA ILE D 90 5.96 -14.96 15.88
C ILE D 90 4.85 -15.18 16.90
N TYR D 91 4.87 -14.41 17.98
CA TYR D 91 3.90 -14.54 19.06
C TYR D 91 3.01 -13.31 19.10
N TYR D 92 1.70 -13.53 19.06
CA TYR D 92 0.73 -12.44 19.09
C TYR D 92 -0.08 -12.51 20.38
N CYS D 93 -0.40 -11.34 20.95
CA CYS D 93 -1.45 -11.26 21.97
C CYS D 93 -2.74 -10.76 21.33
N MET D 94 -3.86 -11.18 21.91
CA MET D 94 -5.16 -10.84 21.36
C MET D 94 -6.11 -10.53 22.50
N GLN D 95 -6.95 -9.52 22.32
CA GLN D 95 -7.99 -9.19 23.29
C GLN D 95 -9.35 -9.43 22.66
N GLY D 96 -10.29 -9.90 23.47
CA GLY D 96 -11.64 -10.13 23.01
C GLY D 96 -12.67 -9.47 23.89
N SER D 97 -12.21 -8.67 24.87
CA SER D 97 -13.15 -8.02 25.77
C SER D 97 -13.86 -6.85 25.10
N HIS D 98 -13.23 -6.19 24.14
CA HIS D 98 -13.85 -5.05 23.45
C HIS D 98 -14.09 -5.38 21.99
N TRP D 99 -15.06 -4.73 21.42
CA TRP D 99 -15.37 -4.96 20.02
C TRP D 99 -14.70 -3.91 19.16
N PRO D 100 -14.01 -4.30 18.08
CA PRO D 100 -13.79 -5.70 17.71
C PRO D 100 -12.57 -6.34 18.36
N VAL D 101 -12.41 -7.63 18.11
CA VAL D 101 -11.22 -8.33 18.57
C VAL D 101 -10.00 -7.77 17.85
N THR D 102 -8.94 -7.50 18.59
CA THR D 102 -7.73 -6.94 18.03
C THR D 102 -6.53 -7.75 18.49
N PHE D 103 -5.49 -7.77 17.64
CA PHE D 103 -4.24 -8.47 17.87
C PHE D 103 -3.08 -7.48 17.96
N GLY D 104 -2.00 -7.88 18.65
CA GLY D 104 -0.76 -7.13 18.60
C GLY D 104 -0.01 -7.41 17.32
N GLN D 105 1.05 -6.63 17.08
CA GLN D 105 1.80 -6.74 15.82
C GLN D 105 2.43 -8.11 15.68
N GLY D 106 2.89 -8.67 16.78
CA GLY D 106 3.59 -9.93 16.78
C GLY D 106 5.06 -9.70 17.12
N THR D 107 5.59 -10.57 17.96
CA THR D 107 6.99 -10.53 18.35
C THR D 107 7.68 -11.72 17.71
N LYS D 108 8.72 -11.47 16.92
CA LYS D 108 9.49 -12.53 16.29
C LYS D 108 10.60 -12.99 17.24
N VAL D 109 10.52 -14.24 17.71
CA VAL D 109 11.54 -14.81 18.59
C VAL D 109 12.59 -15.50 17.73
N GLU D 110 13.87 -15.22 18.02
CA GLU D 110 14.98 -15.72 17.24
C GLU D 110 15.97 -16.41 18.18
N ILE D 111 16.42 -17.60 17.81
CA ILE D 111 17.41 -18.33 18.59
C ILE D 111 18.80 -17.85 18.22
N LYS D 112 19.59 -17.49 19.23
CA LYS D 112 20.97 -17.06 19.05
C LYS D 112 21.84 -18.28 19.37
N ARG D 113 22.33 -18.96 18.33
CA ARG D 113 23.13 -20.18 18.44
C ARG D 113 24.61 -19.86 18.18
N THR D 114 25.43 -20.91 18.19
CA THR D 114 26.85 -20.77 17.87
C THR D 114 27.07 -20.68 16.37
N VAL D 115 28.10 -19.93 15.99
CA VAL D 115 28.34 -19.60 14.58
C VAL D 115 28.50 -20.87 13.75
N ALA D 116 27.96 -20.85 12.53
CA ALA D 116 28.13 -21.92 11.56
C ALA D 116 28.40 -21.33 10.18
N ALA D 117 29.35 -21.95 9.44
CA ALA D 117 29.69 -21.42 8.13
C ALA D 117 28.77 -21.98 7.04
N PRO D 118 28.49 -21.21 6.00
CA PRO D 118 27.62 -21.70 4.91
C PRO D 118 28.38 -22.57 3.92
N SER D 119 27.87 -23.77 3.69
CA SER D 119 28.35 -24.58 2.57
C SER D 119 27.82 -24.00 1.26
N VAL D 120 28.70 -23.74 0.31
CA VAL D 120 28.37 -22.97 -0.89
C VAL D 120 28.36 -23.90 -2.11
N PHE D 121 27.34 -23.74 -2.95
CA PHE D 121 27.19 -24.50 -4.18
C PHE D 121 26.82 -23.55 -5.32
N ILE D 122 27.23 -23.89 -6.54
CA ILE D 122 26.98 -23.06 -7.72
C ILE D 122 26.18 -23.86 -8.74
N PHE D 123 25.22 -23.20 -9.38
CA PHE D 123 24.31 -23.84 -10.35
C PHE D 123 24.33 -23.06 -11.67
N PRO D 124 24.86 -23.64 -12.74
CA PRO D 124 24.78 -22.99 -14.07
C PRO D 124 23.33 -22.89 -14.54
N PRO D 125 23.03 -21.95 -15.45
CA PRO D 125 21.64 -21.79 -15.93
C PRO D 125 21.12 -22.97 -16.75
N SER D 126 19.84 -22.93 -17.11
CA SER D 126 19.19 -24.02 -17.83
C SER D 126 19.16 -23.74 -19.33
N ASP D 127 19.36 -24.80 -20.12
CA ASP D 127 19.26 -24.66 -21.57
C ASP D 127 17.86 -24.25 -22.01
N GLU D 128 16.84 -24.76 -21.31
CA GLU D 128 15.46 -24.46 -21.69
C GLU D 128 15.17 -22.97 -21.54
N GLN D 129 15.70 -22.35 -20.50
CA GLN D 129 15.51 -20.91 -20.31
C GLN D 129 16.26 -20.14 -21.39
N LEU D 130 17.43 -20.63 -21.78
CA LEU D 130 18.21 -19.99 -22.83
C LEU D 130 17.44 -19.93 -24.15
N LYS D 131 16.75 -21.02 -24.49
CA LYS D 131 15.89 -21.02 -25.68
C LYS D 131 14.75 -20.03 -25.55
N SER D 132 14.35 -19.69 -24.31
CA SER D 132 13.33 -18.69 -24.04
C SER D 132 13.92 -17.29 -23.84
N GLY D 133 15.24 -17.16 -23.74
CA GLY D 133 15.90 -15.87 -23.79
C GLY D 133 16.50 -15.33 -22.50
N THR D 134 16.61 -16.12 -21.43
CA THR D 134 17.20 -15.65 -20.19
C THR D 134 18.14 -16.72 -19.63
N ALA D 135 19.08 -16.29 -18.78
CA ALA D 135 20.01 -17.18 -18.10
C ALA D 135 20.07 -16.78 -16.62
N SER D 136 19.76 -17.72 -15.73
CA SER D 136 19.83 -17.49 -14.28
C SER D 136 20.87 -18.40 -13.65
N VAL D 137 21.81 -17.82 -12.92
CA VAL D 137 22.83 -18.55 -12.16
C VAL D 137 22.52 -18.41 -10.68
N VAL D 138 22.52 -19.53 -9.96
CA VAL D 138 22.13 -19.57 -8.55
C VAL D 138 23.33 -19.95 -7.69
N CYS D 139 23.49 -19.23 -6.57
CA CYS D 139 24.50 -19.50 -5.57
C CYS D 139 23.80 -19.83 -4.26
N LEU D 140 24.15 -20.96 -3.65
CA LEU D 140 23.46 -21.46 -2.47
C LEU D 140 24.38 -21.42 -1.26
N LEU D 141 23.89 -20.86 -0.16
CA LEU D 141 24.55 -20.88 1.13
C LEU D 141 23.69 -21.70 2.07
N ASN D 142 24.25 -22.79 2.61
CA ASN D 142 23.45 -23.78 3.32
C ASN D 142 23.81 -23.84 4.80
N ASN D 143 22.78 -23.78 5.65
CA ASN D 143 22.85 -24.00 7.09
C ASN D 143 24.00 -23.21 7.73
N PHE D 144 23.79 -21.90 7.80
CA PHE D 144 24.76 -21.00 8.42
C PHE D 144 24.12 -20.17 9.52
N TYR D 145 24.98 -19.64 10.39
CA TYR D 145 24.59 -18.72 11.44
C TYR D 145 25.82 -17.89 11.79
N PRO D 146 25.68 -16.57 12.00
CA PRO D 146 24.46 -15.74 12.04
C PRO D 146 23.83 -15.51 10.68
N ARG D 147 22.79 -14.67 10.67
CA ARG D 147 22.05 -14.42 9.44
C ARG D 147 22.82 -13.55 8.46
N GLU D 148 23.63 -12.63 8.95
CA GLU D 148 24.31 -11.67 8.08
C GLU D 148 25.36 -12.36 7.24
N ALA D 149 25.22 -12.23 5.92
CA ALA D 149 26.16 -12.75 4.95
C ALA D 149 26.13 -11.85 3.72
N LYS D 150 27.23 -11.82 2.99
CA LYS D 150 27.34 -11.01 1.78
C LYS D 150 27.78 -11.90 0.62
N VAL D 151 27.02 -11.86 -0.46
CA VAL D 151 27.29 -12.63 -1.65
C VAL D 151 27.65 -11.65 -2.76
N GLN D 152 28.78 -11.89 -3.42
CA GLN D 152 29.25 -11.06 -4.53
C GLN D 152 29.32 -11.90 -5.80
N TRP D 153 28.79 -11.37 -6.89
CA TRP D 153 28.84 -12.04 -8.18
C TRP D 153 29.98 -11.46 -9.00
N LYS D 154 30.67 -12.34 -9.74
CA LYS D 154 31.77 -11.96 -10.60
C LYS D 154 31.66 -12.68 -11.93
N VAL D 155 31.67 -11.93 -13.03
CA VAL D 155 31.78 -12.52 -14.36
C VAL D 155 33.14 -12.11 -14.93
N ASP D 156 33.99 -13.10 -15.17
CA ASP D 156 35.36 -12.85 -15.61
C ASP D 156 36.05 -11.82 -14.71
N ASN D 157 35.85 -11.99 -13.39
CA ASN D 157 36.40 -11.11 -12.36
C ASN D 157 35.86 -9.69 -12.41
N ALA D 158 34.61 -9.54 -12.87
CA ALA D 158 33.95 -8.23 -12.90
C ALA D 158 32.82 -8.22 -11.89
N LEU D 159 32.88 -7.28 -10.95
CA LEU D 159 31.84 -7.16 -9.94
C LEU D 159 30.50 -6.85 -10.58
N GLN D 160 29.47 -7.51 -10.12
CA GLN D 160 28.12 -7.27 -10.60
C GLN D 160 27.34 -6.51 -9.54
N SER D 161 26.29 -5.82 -9.98
CA SER D 161 25.40 -5.10 -9.09
C SER D 161 24.14 -4.72 -9.87
N GLY D 162 22.99 -4.85 -9.21
CA GLY D 162 21.71 -4.48 -9.79
C GLY D 162 21.01 -5.57 -10.56
N ASN D 163 21.67 -6.68 -10.86
CA ASN D 163 21.06 -7.76 -11.63
C ASN D 163 20.72 -8.99 -10.80
N SER D 164 21.21 -9.08 -9.57
CA SER D 164 20.99 -10.25 -8.74
C SER D 164 20.00 -9.93 -7.63
N GLN D 165 19.52 -11.00 -7.00
CA GLN D 165 18.59 -10.91 -5.87
C GLN D 165 18.78 -12.12 -4.98
N GLU D 166 18.60 -11.90 -3.68
CA GLU D 166 18.80 -12.95 -2.69
C GLU D 166 17.53 -13.17 -1.87
N SER D 167 17.47 -14.32 -1.23
CA SER D 167 16.36 -14.71 -0.39
C SER D 167 16.87 -15.66 0.68
N VAL D 168 16.40 -15.47 1.92
CA VAL D 168 16.86 -16.27 3.05
C VAL D 168 15.66 -16.97 3.66
N THR D 169 15.84 -18.23 4.06
CA THR D 169 14.77 -18.97 4.70
C THR D 169 14.63 -18.51 6.15
N GLU D 170 13.50 -18.85 6.75
CA GLU D 170 13.32 -18.61 8.17
C GLU D 170 14.26 -19.50 8.97
N GLN D 171 14.45 -19.12 10.24
CA GLN D 171 15.36 -19.87 11.09
C GLN D 171 14.82 -21.27 11.32
N ASP D 172 15.68 -22.27 11.13
CA ASP D 172 15.25 -23.66 11.26
C ASP D 172 14.92 -23.98 12.72
N SER D 173 13.86 -24.76 12.90
CA SER D 173 13.40 -25.12 14.23
C SER D 173 14.24 -26.22 14.86
N LYS D 174 15.18 -26.81 14.13
CA LYS D 174 15.98 -27.90 14.67
C LYS D 174 17.40 -27.44 14.98
N ASP D 175 18.14 -26.96 13.97
CA ASP D 175 19.52 -26.51 14.17
C ASP D 175 19.64 -25.00 14.22
N SER D 176 18.52 -24.28 14.14
CA SER D 176 18.48 -22.81 14.30
C SER D 176 19.33 -22.09 13.25
N THR D 177 19.51 -22.71 12.07
CA THR D 177 20.32 -22.16 11.00
C THR D 177 19.46 -21.50 9.93
N TYR D 178 20.11 -20.69 9.10
CA TYR D 178 19.48 -20.05 7.95
C TYR D 178 20.02 -20.65 6.67
N SER D 179 19.40 -20.25 5.56
CA SER D 179 19.86 -20.65 4.23
C SER D 179 19.54 -19.52 3.27
N LEU D 180 20.47 -19.25 2.35
CA LEU D 180 20.36 -18.12 1.43
C LEU D 180 20.60 -18.57 0.00
N SER D 181 19.78 -18.04 -0.92
CA SER D 181 19.94 -18.27 -2.35
C SER D 181 20.08 -16.93 -3.06
N SER D 182 21.14 -16.79 -3.85
CA SER D 182 21.38 -15.58 -4.63
C SER D 182 21.33 -15.95 -6.09
N THR D 183 20.40 -15.34 -6.83
CA THR D 183 20.18 -15.63 -8.23
C THR D 183 20.68 -14.47 -9.08
N LEU D 184 21.58 -14.79 -10.02
CA LEU D 184 22.12 -13.81 -10.96
C LEU D 184 21.37 -13.92 -12.29
N THR D 185 20.75 -12.81 -12.70
CA THR D 185 19.92 -12.78 -13.90
C THR D 185 20.66 -12.07 -15.03
N LEU D 186 20.79 -12.75 -16.17
CA LEU D 186 21.44 -12.20 -17.35
C LEU D 186 20.62 -12.57 -18.58
N SER D 187 20.97 -11.94 -19.70
CA SER D 187 20.43 -12.33 -20.99
C SER D 187 21.29 -13.44 -21.58
N LYS D 188 20.68 -14.24 -22.46
CA LYS D 188 21.41 -15.33 -23.08
C LYS D 188 22.61 -14.79 -23.86
N ALA D 189 22.45 -13.62 -24.49
CA ALA D 189 23.57 -13.00 -25.20
C ALA D 189 24.68 -12.62 -24.24
N ASP D 190 24.35 -11.91 -23.16
CA ASP D 190 25.36 -11.59 -22.16
C ASP D 190 25.93 -12.85 -21.54
N TYR D 191 25.10 -13.88 -21.35
CA TYR D 191 25.61 -15.13 -20.82
C TYR D 191 26.60 -15.78 -21.77
N GLU D 192 26.28 -15.76 -23.07
CA GLU D 192 27.14 -16.37 -24.08
C GLU D 192 28.28 -15.44 -24.51
N LYS D 193 28.54 -14.37 -23.76
CA LYS D 193 29.66 -13.48 -24.04
C LYS D 193 30.84 -13.72 -23.10
N HIS D 194 30.66 -14.47 -22.03
CA HIS D 194 31.72 -14.66 -21.04
C HIS D 194 31.79 -16.14 -20.65
N LYS D 195 32.91 -16.50 -20.01
CA LYS D 195 33.23 -17.87 -19.69
C LYS D 195 33.15 -18.20 -18.20
N VAL D 196 33.78 -17.39 -17.34
CA VAL D 196 33.86 -17.67 -15.91
C VAL D 196 32.74 -16.94 -15.17
N TYR D 197 32.06 -17.66 -14.29
CA TYR D 197 31.03 -17.11 -13.43
C TYR D 197 31.27 -17.59 -12.01
N ALA D 198 31.27 -16.67 -11.05
CA ALA D 198 31.61 -17.00 -9.67
C ALA D 198 30.81 -16.16 -8.69
N CYS D 199 30.50 -16.75 -7.53
CA CYS D 199 29.97 -16.04 -6.39
C CYS D 199 30.95 -16.15 -5.22
N GLU D 200 31.23 -15.03 -4.57
CA GLU D 200 32.13 -14.99 -3.42
C GLU D 200 31.34 -14.71 -2.15
N VAL D 201 31.48 -15.60 -1.16
CA VAL D 201 30.68 -15.56 0.06
C VAL D 201 31.58 -15.09 1.19
N THR D 202 31.14 -14.03 1.87
CA THR D 202 31.83 -13.49 3.04
C THR D 202 30.92 -13.71 4.25
N HIS D 203 31.46 -14.36 5.28
CA HIS D 203 30.70 -14.70 6.47
C HIS D 203 31.63 -14.76 7.67
N GLN D 204 31.04 -14.67 8.87
CA GLN D 204 31.82 -14.71 10.10
C GLN D 204 32.46 -16.08 10.34
N GLY D 205 31.79 -17.16 9.95
CA GLY D 205 32.35 -18.48 10.10
C GLY D 205 33.44 -18.83 9.11
N LEU D 206 33.71 -17.95 8.15
CA LEU D 206 34.75 -18.17 7.15
C LEU D 206 35.91 -17.23 7.41
N SER D 207 37.13 -17.78 7.40
CA SER D 207 38.30 -16.95 7.66
C SER D 207 38.57 -16.00 6.50
N SER D 208 38.29 -16.41 5.28
CA SER D 208 38.45 -15.59 4.09
C SER D 208 37.26 -15.79 3.18
N PRO D 209 36.86 -14.77 2.43
CA PRO D 209 35.71 -14.91 1.53
C PRO D 209 35.93 -16.05 0.55
N VAL D 210 35.08 -17.07 0.67
CA VAL D 210 35.18 -18.25 -0.19
C VAL D 210 34.46 -17.98 -1.50
N THR D 211 35.09 -18.36 -2.61
CA THR D 211 34.56 -18.13 -3.94
C THR D 211 34.31 -19.47 -4.64
N LYS D 212 33.14 -19.62 -5.25
CA LYS D 212 32.79 -20.81 -6.01
C LYS D 212 32.51 -20.41 -7.45
N SER D 213 33.10 -21.12 -8.41
CA SER D 213 33.06 -20.71 -9.81
C SER D 213 32.81 -21.90 -10.73
N PHE D 214 32.26 -21.62 -11.91
CA PHE D 214 32.14 -22.61 -12.96
C PHE D 214 32.56 -22.00 -14.29
N ASN D 215 32.85 -22.87 -15.26
CA ASN D 215 33.27 -22.46 -16.60
C ASN D 215 32.20 -22.86 -17.62
N ARG D 216 31.71 -21.86 -18.38
CA ARG D 216 30.64 -22.04 -19.34
C ARG D 216 30.93 -23.16 -20.33
N GLY D 217 30.05 -24.15 -20.39
CA GLY D 217 30.20 -25.29 -21.28
C GLY D 217 31.21 -26.33 -20.85
N GLN E 1 -9.10 -35.81 15.65
CA GLN E 1 -8.95 -34.47 16.20
C GLN E 1 -9.68 -33.36 15.41
N VAL E 2 -9.68 -32.15 15.95
CA VAL E 2 -10.35 -31.02 15.32
C VAL E 2 -9.54 -30.54 14.13
N GLN E 3 -10.16 -30.45 12.96
CA GLN E 3 -9.44 -30.08 11.75
C GLN E 3 -10.24 -29.05 10.97
N LEU E 4 -9.52 -28.08 10.41
CA LEU E 4 -10.10 -27.02 9.61
C LEU E 4 -9.30 -26.87 8.34
N VAL E 5 -9.96 -26.91 7.20
CA VAL E 5 -9.29 -26.84 5.90
C VAL E 5 -9.94 -25.74 5.08
N GLU E 6 -9.15 -24.74 4.70
CA GLU E 6 -9.63 -23.67 3.84
C GLU E 6 -9.27 -23.96 2.39
N SER E 7 -10.07 -23.40 1.49
CA SER E 7 -9.76 -23.46 0.07
C SER E 7 -10.45 -22.29 -0.60
N GLY E 8 -10.13 -22.08 -1.86
CA GLY E 8 -10.79 -21.07 -2.66
C GLY E 8 -10.00 -19.81 -2.93
N GLY E 9 -8.87 -19.62 -2.25
CA GLY E 9 -8.08 -18.42 -2.47
C GLY E 9 -7.49 -18.38 -3.87
N GLY E 10 -7.24 -17.18 -4.35
CA GLY E 10 -6.65 -17.04 -5.67
C GLY E 10 -6.51 -15.58 -6.07
N LEU E 11 -6.16 -15.37 -7.34
CA LEU E 11 -5.99 -14.03 -7.89
C LEU E 11 -7.34 -13.46 -8.30
N VAL E 12 -7.61 -12.22 -7.89
CA VAL E 12 -8.83 -11.51 -8.24
C VAL E 12 -8.46 -10.08 -8.57
N LYS E 13 -8.96 -9.58 -9.70
CA LYS E 13 -8.74 -8.20 -10.04
C LYS E 13 -9.56 -7.31 -9.11
N PRO E 14 -9.10 -6.09 -8.83
CA PRO E 14 -9.86 -5.19 -7.95
C PRO E 14 -11.28 -4.99 -8.44
N GLY E 15 -12.23 -5.00 -7.50
CA GLY E 15 -13.64 -4.94 -7.81
C GLY E 15 -14.32 -6.28 -7.97
N GLY E 16 -13.56 -7.34 -8.23
CA GLY E 16 -14.12 -8.67 -8.42
C GLY E 16 -14.60 -9.31 -7.13
N SER E 17 -15.04 -10.56 -7.28
CA SER E 17 -15.60 -11.35 -6.19
C SER E 17 -14.85 -12.67 -6.06
N LEU E 18 -14.88 -13.22 -4.84
CA LEU E 18 -14.25 -14.49 -4.54
C LEU E 18 -14.98 -15.13 -3.36
N ARG E 19 -15.16 -16.44 -3.43
CA ARG E 19 -15.82 -17.19 -2.37
C ARG E 19 -14.82 -18.14 -1.74
N LEU E 20 -14.59 -18.00 -0.44
CA LEU E 20 -13.74 -18.89 0.32
C LEU E 20 -14.60 -19.91 1.06
N SER E 21 -14.08 -21.12 1.21
CA SER E 21 -14.77 -22.14 1.96
C SER E 21 -13.84 -22.73 3.02
N CYS E 22 -14.45 -23.38 4.01
CA CYS E 22 -13.72 -24.06 5.07
C CYS E 22 -14.52 -25.28 5.50
N VAL E 23 -13.93 -26.47 5.44
CA VAL E 23 -14.58 -27.71 5.84
C VAL E 23 -13.97 -28.17 7.15
N SER E 24 -14.83 -28.56 8.09
CA SER E 24 -14.41 -28.91 9.44
C SER E 24 -14.62 -30.40 9.70
N SER E 25 -13.84 -30.91 10.65
CA SER E 25 -13.87 -32.30 11.05
C SER E 25 -13.60 -32.39 12.54
N GLY E 26 -14.12 -33.44 13.16
CA GLY E 26 -13.76 -33.74 14.53
C GLY E 26 -14.58 -33.07 15.60
N PHE E 27 -15.66 -32.37 15.24
CA PHE E 27 -16.55 -31.76 16.24
C PHE E 27 -17.92 -31.50 15.63
N THR E 28 -18.92 -31.31 16.49
CA THR E 28 -20.26 -30.96 16.02
C THR E 28 -20.24 -29.52 15.52
N PHE E 29 -20.21 -29.37 14.19
CA PHE E 29 -20.07 -28.05 13.58
C PHE E 29 -21.17 -27.09 14.04
N SER E 30 -22.42 -27.58 14.09
CA SER E 30 -23.60 -26.76 14.41
C SER E 30 -23.61 -26.27 15.85
N ASN E 31 -22.63 -26.66 16.67
CA ASN E 31 -22.58 -26.28 18.06
C ASN E 31 -21.63 -25.11 18.34
N TYR E 32 -20.83 -24.68 17.37
CA TYR E 32 -19.79 -23.69 17.61
C TYR E 32 -20.00 -22.45 16.75
N TRP E 33 -19.74 -21.29 17.35
CA TRP E 33 -19.49 -20.11 16.54
C TRP E 33 -18.22 -20.32 15.73
N MET E 34 -18.19 -19.79 14.52
CA MET E 34 -16.99 -19.82 13.71
C MET E 34 -16.58 -18.41 13.36
N SER E 35 -15.31 -18.25 12.99
CA SER E 35 -14.79 -16.92 12.73
C SER E 35 -13.73 -16.95 11.64
N TRP E 36 -13.59 -15.82 10.95
CA TRP E 36 -12.55 -15.62 9.95
C TRP E 36 -11.57 -14.54 10.40
N VAL E 37 -10.28 -14.84 10.27
CA VAL E 37 -9.19 -13.93 10.60
C VAL E 37 -8.24 -13.93 9.41
N ARG E 38 -7.70 -12.77 9.06
CA ARG E 38 -6.80 -12.66 7.93
C ARG E 38 -5.46 -12.08 8.34
N GLN E 39 -4.44 -12.35 7.53
CA GLN E 39 -3.09 -11.86 7.76
C GLN E 39 -2.64 -11.08 6.53
N ALA E 40 -2.50 -9.76 6.68
CA ALA E 40 -2.15 -8.89 5.57
C ALA E 40 -0.64 -8.95 5.28
N PRO E 41 -0.23 -8.59 4.07
CA PRO E 41 1.20 -8.52 3.75
C PRO E 41 1.90 -7.54 4.67
N GLY E 42 3.05 -7.97 5.19
CA GLY E 42 3.80 -7.16 6.12
C GLY E 42 3.06 -6.80 7.39
N GLY E 43 1.97 -7.49 7.70
CA GLY E 43 1.14 -7.11 8.82
C GLY E 43 0.89 -8.30 9.74
N GLY E 44 0.17 -8.02 10.80
CA GLY E 44 -0.22 -9.02 11.78
C GLY E 44 -1.56 -9.62 11.43
N LEU E 45 -2.33 -9.93 12.46
CA LEU E 45 -3.63 -10.57 12.29
C LEU E 45 -4.75 -9.55 12.45
N GLU E 46 -5.81 -9.71 11.66
CA GLU E 46 -6.98 -8.85 11.75
C GLU E 46 -8.22 -9.71 11.76
N TRP E 47 -9.05 -9.57 12.79
CA TRP E 47 -10.33 -10.26 12.82
C TRP E 47 -11.20 -9.74 11.67
N VAL E 48 -12.00 -10.64 11.09
CA VAL E 48 -12.78 -10.31 9.91
C VAL E 48 -14.28 -10.52 10.13
N ALA E 49 -14.67 -11.69 10.62
CA ALA E 49 -16.09 -11.99 10.70
C ALA E 49 -16.39 -13.02 11.77
N ASN E 50 -17.59 -12.92 12.34
CA ASN E 50 -18.16 -13.91 13.26
C ASN E 50 -19.48 -14.41 12.70
N ILE E 51 -19.77 -15.69 12.96
CA ILE E 51 -21.06 -16.29 12.63
C ILE E 51 -21.44 -17.24 13.76
N ASN E 52 -22.71 -17.19 14.17
CA ASN E 52 -23.17 -17.99 15.30
C ASN E 52 -23.40 -19.43 14.87
N GLN E 53 -23.90 -20.25 15.79
CA GLN E 53 -24.02 -21.68 15.56
C GLN E 53 -24.91 -22.00 14.37
N ASP E 54 -26.04 -21.29 14.23
CA ASP E 54 -27.00 -21.65 13.19
C ASP E 54 -27.00 -20.68 11.99
N GLY E 55 -26.12 -19.69 11.98
CA GLY E 55 -26.09 -18.74 10.88
C GLY E 55 -27.11 -17.63 10.97
N SER E 56 -27.83 -17.51 12.08
CA SER E 56 -28.80 -16.42 12.17
C SER E 56 -28.13 -15.08 12.42
N GLU E 57 -26.97 -15.08 13.08
CA GLU E 57 -26.19 -13.88 13.37
C GLU E 57 -24.85 -13.94 12.66
N LYS E 58 -24.49 -12.84 11.97
CA LYS E 58 -23.22 -12.71 11.27
C LYS E 58 -22.70 -11.30 11.50
N TYR E 59 -21.45 -11.17 11.95
CA TYR E 59 -20.87 -9.85 12.21
C TYR E 59 -19.53 -9.71 11.50
N TYR E 60 -19.19 -8.47 11.13
CA TYR E 60 -18.02 -8.21 10.31
C TYR E 60 -17.23 -7.03 10.86
N VAL E 61 -15.93 -6.99 10.55
CA VAL E 61 -15.12 -5.84 10.91
C VAL E 61 -15.50 -4.68 9.98
N ASP E 62 -15.42 -3.45 10.51
CA ASP E 62 -15.94 -2.30 9.77
C ASP E 62 -15.34 -2.20 8.37
N SER E 63 -14.05 -2.50 8.23
CA SER E 63 -13.39 -2.31 6.94
C SER E 63 -13.96 -3.18 5.83
N VAL E 64 -14.77 -4.19 6.15
CA VAL E 64 -15.34 -5.08 5.16
C VAL E 64 -16.86 -5.09 5.20
N LYS E 65 -17.48 -4.35 6.14
CA LYS E 65 -18.93 -4.35 6.26
C LYS E 65 -19.57 -3.88 4.96
N GLY E 66 -20.46 -4.70 4.42
CA GLY E 66 -21.11 -4.39 3.18
C GLY E 66 -20.47 -5.02 1.96
N ARG E 67 -19.18 -5.35 2.04
CA ARG E 67 -18.48 -5.98 0.94
C ARG E 67 -18.32 -7.49 1.11
N PHE E 68 -18.25 -7.97 2.36
CA PHE E 68 -18.07 -9.38 2.68
C PHE E 68 -19.33 -9.92 3.34
N THR E 69 -19.64 -11.18 3.07
CA THR E 69 -20.74 -11.88 3.72
C THR E 69 -20.30 -13.29 4.05
N SER E 70 -20.67 -13.78 5.23
CA SER E 70 -20.36 -15.14 5.64
C SER E 70 -21.62 -15.99 5.61
N SER E 71 -21.44 -17.30 5.41
CA SER E 71 -22.54 -18.24 5.50
C SER E 71 -21.98 -19.60 5.89
N ARG E 72 -22.87 -20.48 6.32
CA ARG E 72 -22.48 -21.81 6.75
C ARG E 72 -23.56 -22.79 6.30
N ASP E 73 -23.14 -24.03 6.10
CA ASP E 73 -23.96 -25.13 5.62
C ASP E 73 -23.80 -26.22 6.66
N ASN E 74 -24.69 -26.21 7.66
CA ASN E 74 -24.58 -27.14 8.77
C ASN E 74 -24.81 -28.59 8.36
N THR E 75 -25.28 -28.83 7.13
CA THR E 75 -25.38 -30.17 6.56
C THR E 75 -24.04 -30.69 6.05
N LYS E 76 -23.07 -29.82 5.80
CA LYS E 76 -21.79 -30.24 5.23
C LYS E 76 -20.57 -29.77 6.00
N ASN E 77 -20.71 -29.38 7.28
CA ASN E 77 -19.59 -28.89 8.10
C ASN E 77 -18.80 -27.81 7.38
N SER E 78 -19.51 -26.93 6.68
CA SER E 78 -18.86 -25.98 5.79
C SER E 78 -19.19 -24.57 6.21
N LEU E 79 -18.17 -23.73 6.17
CA LEU E 79 -18.25 -22.31 6.47
C LEU E 79 -17.78 -21.57 5.24
N PHE E 80 -18.41 -20.43 4.93
CA PHE E 80 -18.07 -19.69 3.72
C PHE E 80 -17.83 -18.22 4.03
N LEU E 81 -17.06 -17.59 3.16
CA LEU E 81 -16.85 -16.14 3.18
C LEU E 81 -16.84 -15.67 1.74
N GLN E 82 -17.80 -14.82 1.41
CA GLN E 82 -17.90 -14.30 0.06
C GLN E 82 -17.31 -12.90 0.07
N LEU E 83 -16.27 -12.69 -0.71
CA LEU E 83 -15.58 -11.41 -0.77
C LEU E 83 -16.01 -10.70 -2.05
N ASN E 84 -16.72 -9.58 -1.91
CA ASN E 84 -17.13 -8.77 -3.04
C ASN E 84 -16.43 -7.42 -2.98
N SER E 85 -16.33 -6.76 -4.13
CA SER E 85 -15.70 -5.45 -4.25
C SER E 85 -14.31 -5.43 -3.64
N LEU E 86 -13.48 -6.39 -4.09
CA LEU E 86 -12.17 -6.58 -3.48
C LEU E 86 -11.26 -5.39 -3.73
N ARG E 87 -10.65 -4.90 -2.66
CA ARG E 87 -9.67 -3.84 -2.71
C ARG E 87 -8.28 -4.42 -2.54
N ALA E 88 -7.26 -3.60 -2.85
CA ALA E 88 -5.88 -4.07 -2.73
C ALA E 88 -5.57 -4.49 -1.29
N GLU E 89 -6.08 -3.75 -0.31
CA GLU E 89 -5.85 -4.03 1.09
C GLU E 89 -6.54 -5.30 1.58
N ASP E 90 -7.32 -5.97 0.73
CA ASP E 90 -7.91 -7.26 1.06
C ASP E 90 -6.99 -8.44 0.77
N THR E 91 -5.83 -8.20 0.17
CA THR E 91 -4.88 -9.28 -0.04
C THR E 91 -4.40 -9.84 1.29
N GLY E 92 -4.27 -11.16 1.37
CA GLY E 92 -3.73 -11.76 2.57
C GLY E 92 -4.08 -13.24 2.65
N ILE E 93 -3.63 -13.84 3.75
CA ILE E 93 -3.95 -15.22 4.07
C ILE E 93 -5.19 -15.23 4.94
N TYR E 94 -6.22 -15.96 4.51
CA TYR E 94 -7.50 -15.98 5.22
C TYR E 94 -7.63 -17.28 6.00
N TYR E 95 -7.71 -17.15 7.33
CA TYR E 95 -7.77 -18.28 8.24
C TYR E 95 -9.20 -18.51 8.71
N CYS E 96 -9.56 -19.77 8.76
CA CYS E 96 -10.80 -20.26 9.31
C CYS E 96 -10.52 -20.68 10.74
N THR E 97 -11.25 -20.09 11.70
CA THR E 97 -11.01 -20.34 13.11
C THR E 97 -12.30 -20.79 13.79
N ARG E 98 -12.17 -21.49 14.91
CA ARG E 98 -13.33 -21.99 15.65
C ARG E 98 -13.48 -21.25 16.97
N ASP E 99 -14.75 -20.93 17.32
CA ASP E 99 -15.17 -20.42 18.62
C ASP E 99 -14.55 -19.07 19.03
N PRO E 100 -14.96 -17.95 18.45
CA PRO E 100 -14.57 -16.65 19.00
C PRO E 100 -15.24 -16.44 20.35
N PRO E 101 -14.60 -15.71 21.28
CA PRO E 101 -13.30 -15.04 21.19
C PRO E 101 -12.12 -15.88 21.66
N TYR E 102 -12.25 -17.21 21.61
CA TYR E 102 -11.18 -18.09 22.05
C TYR E 102 -10.24 -18.49 20.93
N PHE E 103 -10.77 -18.70 19.73
CA PHE E 103 -9.97 -19.11 18.55
C PHE E 103 -9.07 -20.31 18.87
N ASP E 104 -9.68 -21.36 19.42
CA ASP E 104 -8.90 -22.52 19.85
C ASP E 104 -8.37 -23.35 18.69
N ASN E 105 -8.93 -23.23 17.49
CA ASN E 105 -8.45 -24.01 16.35
C ASN E 105 -8.39 -23.15 15.10
N TRP E 106 -7.32 -23.34 14.32
CA TRP E 106 -7.12 -22.59 13.09
C TRP E 106 -6.87 -23.54 11.93
N GLY E 107 -7.42 -23.18 10.76
CA GLY E 107 -7.06 -23.87 9.53
C GLY E 107 -5.69 -23.43 9.09
N GLN E 108 -5.23 -23.99 7.98
CA GLN E 108 -3.92 -23.59 7.51
C GLN E 108 -3.96 -22.26 6.76
N GLY E 109 -5.13 -21.81 6.35
CA GLY E 109 -5.26 -20.55 5.65
C GLY E 109 -5.30 -20.73 4.14
N THR E 110 -5.84 -19.73 3.46
CA THR E 110 -5.87 -19.71 2.01
C THR E 110 -5.54 -18.30 1.55
N LEU E 111 -4.75 -18.19 0.49
CA LEU E 111 -4.21 -16.90 0.06
C LEU E 111 -5.12 -16.20 -0.94
N VAL E 112 -5.41 -14.94 -0.69
CA VAL E 112 -6.17 -14.08 -1.60
C VAL E 112 -5.23 -13.00 -2.11
N THR E 113 -5.10 -12.90 -3.44
CA THR E 113 -4.24 -11.89 -4.08
C THR E 113 -5.13 -10.96 -4.92
N VAL E 114 -5.24 -9.70 -4.52
CA VAL E 114 -6.05 -8.74 -5.28
C VAL E 114 -5.10 -7.89 -6.13
N SER E 115 -5.17 -8.06 -7.45
CA SER E 115 -4.23 -7.39 -8.34
C SER E 115 -4.80 -7.34 -9.76
N SER E 116 -4.47 -6.25 -10.47
CA SER E 116 -4.88 -6.11 -11.86
C SER E 116 -4.09 -6.99 -12.81
N ALA E 117 -2.92 -7.47 -12.39
CA ALA E 117 -2.10 -8.31 -13.24
C ALA E 117 -2.86 -9.59 -13.64
N SER E 118 -2.32 -10.27 -14.64
CA SER E 118 -2.91 -11.48 -15.16
C SER E 118 -2.18 -12.69 -14.61
N THR E 119 -2.90 -13.81 -14.54
CA THR E 119 -2.30 -15.04 -14.03
C THR E 119 -1.18 -15.50 -14.96
N LYS E 120 -0.05 -15.85 -14.37
CA LYS E 120 1.11 -16.34 -15.12
C LYS E 120 1.51 -17.71 -14.58
N GLY E 121 1.72 -18.65 -15.48
CA GLY E 121 2.20 -19.96 -15.12
C GLY E 121 3.70 -19.96 -14.97
N PRO E 122 4.21 -20.77 -14.05
CA PRO E 122 5.65 -20.76 -13.79
C PRO E 122 6.41 -21.59 -14.80
N SER E 123 7.63 -21.14 -15.09
CA SER E 123 8.55 -21.90 -15.91
C SER E 123 9.50 -22.62 -14.96
N VAL E 124 9.46 -23.95 -14.96
CA VAL E 124 10.24 -24.77 -14.04
C VAL E 124 11.50 -25.24 -14.76
N PHE E 125 12.65 -24.80 -14.27
CA PHE E 125 13.92 -25.15 -14.86
C PHE E 125 14.77 -25.89 -13.84
N PRO E 126 15.49 -26.93 -14.25
CA PRO E 126 16.30 -27.68 -13.29
C PRO E 126 17.52 -26.89 -12.85
N LEU E 127 17.89 -27.06 -11.59
CA LEU E 127 19.13 -26.55 -11.02
C LEU E 127 20.02 -27.78 -10.87
N ALA E 128 20.77 -28.09 -11.93
CA ALA E 128 21.44 -29.37 -12.07
C ALA E 128 22.53 -29.54 -11.02
N PRO E 129 22.74 -30.77 -10.56
CA PRO E 129 23.90 -31.05 -9.69
C PRO E 129 25.15 -31.18 -10.54
N SER E 130 26.29 -30.90 -9.90
CA SER E 130 27.56 -30.80 -10.61
C SER E 130 28.67 -31.47 -9.81
N SER E 131 29.85 -31.52 -10.42
CA SER E 131 31.03 -32.14 -9.84
C SER E 131 31.80 -31.20 -8.91
N LYS E 132 31.37 -29.95 -8.77
CA LYS E 132 32.01 -28.99 -7.88
C LYS E 132 31.16 -28.69 -6.64
N SER E 133 30.20 -29.54 -6.33
CA SER E 133 29.24 -29.27 -5.25
C SER E 133 29.56 -30.12 -4.02
N THR E 134 30.67 -29.76 -3.37
CA THR E 134 31.12 -30.38 -2.11
C THR E 134 31.15 -31.90 -2.23
N SER E 135 31.95 -32.38 -3.19
CA SER E 135 32.20 -33.81 -3.33
C SER E 135 32.92 -34.32 -2.08
N GLY E 136 32.33 -35.30 -1.40
CA GLY E 136 32.73 -35.68 -0.07
C GLY E 136 31.84 -35.14 1.03
N GLY E 137 31.05 -34.11 0.73
CA GLY E 137 30.04 -33.68 1.68
C GLY E 137 28.70 -34.17 1.17
N THR E 138 27.99 -33.33 0.43
CA THR E 138 26.71 -33.66 -0.14
C THR E 138 26.48 -32.87 -1.42
N ALA E 139 25.96 -33.53 -2.46
CA ALA E 139 25.68 -32.84 -3.72
C ALA E 139 24.29 -32.20 -3.66
N ALA E 140 24.20 -30.97 -4.17
CA ALA E 140 22.98 -30.19 -4.12
C ALA E 140 22.28 -30.19 -5.47
N LEU E 141 20.96 -30.35 -5.44
CA LEU E 141 20.15 -30.37 -6.64
C LEU E 141 18.88 -29.57 -6.34
N GLY E 142 18.33 -28.90 -7.35
CA GLY E 142 17.21 -28.05 -7.08
C GLY E 142 16.32 -27.81 -8.28
N CYS E 143 15.42 -26.85 -8.13
CA CYS E 143 14.46 -26.48 -9.16
C CYS E 143 14.24 -24.99 -9.07
N LEU E 144 14.27 -24.31 -10.20
CA LEU E 144 14.00 -22.88 -10.27
C LEU E 144 12.58 -22.71 -10.80
N VAL E 145 11.74 -22.06 -10.02
CA VAL E 145 10.36 -21.78 -10.41
C VAL E 145 10.31 -20.30 -10.74
N LYS E 146 10.32 -19.99 -12.04
CA LYS E 146 10.49 -18.63 -12.52
C LYS E 146 9.20 -18.12 -13.17
N ASP E 147 9.04 -16.79 -13.15
CA ASP E 147 8.00 -16.09 -13.90
C ASP E 147 6.61 -16.65 -13.62
N TYR E 148 6.16 -16.48 -12.37
CA TYR E 148 4.81 -16.86 -12.01
C TYR E 148 4.15 -15.74 -11.22
N PHE E 149 2.82 -15.69 -11.33
CA PHE E 149 2.00 -14.73 -10.62
C PHE E 149 0.57 -15.23 -10.66
N PRO E 150 -0.16 -15.20 -9.53
CA PRO E 150 0.35 -14.77 -8.24
C PRO E 150 1.01 -15.90 -7.47
N GLU E 151 1.11 -15.72 -6.19
CA GLU E 151 1.51 -16.84 -5.34
C GLU E 151 0.27 -17.58 -4.86
N PRO E 152 0.42 -18.79 -4.32
CA PRO E 152 1.65 -19.51 -3.95
C PRO E 152 2.10 -20.57 -4.93
N VAL E 153 3.31 -21.06 -4.73
CA VAL E 153 3.84 -22.23 -5.42
C VAL E 153 4.24 -23.26 -4.37
N THR E 154 3.83 -24.51 -4.57
CA THR E 154 4.20 -25.60 -3.69
C THR E 154 5.12 -26.53 -4.45
N VAL E 155 6.25 -26.86 -3.84
CA VAL E 155 7.26 -27.73 -4.45
C VAL E 155 7.39 -28.99 -3.60
N SER E 156 7.34 -30.14 -4.26
CA SER E 156 7.59 -31.41 -3.61
C SER E 156 8.63 -32.16 -4.41
N TRP E 157 9.30 -33.08 -3.72
CA TRP E 157 10.33 -33.90 -4.34
C TRP E 157 9.98 -35.37 -4.14
N ASN E 158 9.91 -36.11 -5.26
CA ASN E 158 9.54 -37.52 -5.26
C ASN E 158 8.16 -37.72 -4.64
N SER E 159 7.27 -36.76 -4.88
CA SER E 159 5.89 -36.81 -4.43
C SER E 159 5.80 -36.91 -2.90
N GLY E 160 6.71 -36.22 -2.22
CA GLY E 160 6.72 -36.21 -0.77
C GLY E 160 7.65 -37.22 -0.13
N ALA E 161 8.15 -38.18 -0.90
CA ALA E 161 9.05 -39.17 -0.31
C ALA E 161 10.36 -38.55 0.17
N LEU E 162 10.73 -37.40 -0.38
CA LEU E 162 11.96 -36.70 -0.04
C LEU E 162 11.59 -35.42 0.69
N THR E 163 11.93 -35.33 1.98
CA THR E 163 11.62 -34.18 2.79
C THR E 163 12.84 -33.62 3.53
N SER E 164 13.71 -34.49 4.05
CA SER E 164 14.87 -34.04 4.79
C SER E 164 15.92 -33.46 3.84
N GLY E 165 16.46 -32.30 4.20
CA GLY E 165 17.41 -31.63 3.36
C GLY E 165 16.80 -30.69 2.34
N VAL E 166 15.47 -30.67 2.24
CA VAL E 166 14.78 -29.81 1.29
C VAL E 166 14.68 -28.41 1.88
N HIS E 167 14.98 -27.40 1.05
CA HIS E 167 14.80 -26.00 1.39
C HIS E 167 14.09 -25.34 0.22
N THR E 168 12.84 -24.94 0.43
CA THR E 168 12.10 -24.15 -0.54
C THR E 168 12.14 -22.70 -0.07
N PHE E 169 12.86 -21.87 -0.82
CA PHE E 169 13.13 -20.49 -0.42
C PHE E 169 11.88 -19.62 -0.60
N PRO E 170 11.83 -18.47 0.09
CA PRO E 170 10.74 -17.52 -0.14
C PRO E 170 10.81 -16.94 -1.54
N ALA E 171 9.64 -16.64 -2.10
CA ALA E 171 9.62 -16.01 -3.41
C ALA E 171 10.17 -14.60 -3.32
N VAL E 172 10.70 -14.12 -4.43
CA VAL E 172 11.20 -12.75 -4.55
C VAL E 172 10.46 -12.09 -5.70
N LEU E 173 10.14 -10.81 -5.53
CA LEU E 173 9.53 -10.06 -6.61
C LEU E 173 10.68 -9.48 -7.44
N GLN E 174 10.91 -10.07 -8.61
CA GLN E 174 11.99 -9.68 -9.51
C GLN E 174 11.60 -8.44 -10.30
N SER E 175 12.60 -7.85 -10.97
CA SER E 175 12.37 -6.64 -11.76
C SER E 175 11.26 -6.82 -12.78
N SER E 176 11.02 -8.06 -13.22
CA SER E 176 9.91 -8.31 -14.13
C SER E 176 8.56 -7.96 -13.50
N GLY E 177 8.46 -8.04 -12.17
CA GLY E 177 7.16 -7.96 -11.54
C GLY E 177 6.52 -9.32 -11.38
N LEU E 178 7.28 -10.38 -11.55
CA LEU E 178 6.81 -11.74 -11.40
C LEU E 178 7.66 -12.40 -10.33
N TYR E 179 7.04 -13.36 -9.64
CA TYR E 179 7.74 -14.03 -8.54
C TYR E 179 8.64 -15.13 -9.09
N SER E 180 9.62 -15.50 -8.27
CA SER E 180 10.57 -16.54 -8.62
C SER E 180 11.18 -17.08 -7.34
N LEU E 181 11.11 -18.39 -7.16
CA LEU E 181 11.69 -19.04 -5.99
C LEU E 181 12.51 -20.24 -6.44
N SER E 182 13.28 -20.77 -5.51
CA SER E 182 14.09 -21.95 -5.72
C SER E 182 13.86 -22.93 -4.57
N SER E 183 13.79 -24.21 -4.91
CA SER E 183 13.73 -25.30 -3.94
C SER E 183 14.98 -26.14 -4.14
N VAL E 184 15.75 -26.31 -3.07
CA VAL E 184 16.99 -27.06 -3.15
C VAL E 184 16.89 -28.29 -2.26
N VAL E 185 17.60 -29.34 -2.62
CA VAL E 185 17.67 -30.57 -1.85
C VAL E 185 19.12 -31.04 -1.84
N THR E 186 19.62 -31.38 -0.65
CA THR E 186 20.94 -31.99 -0.51
C THR E 186 20.77 -33.51 -0.49
N VAL E 187 21.40 -34.20 -1.43
CA VAL E 187 21.25 -35.64 -1.62
C VAL E 187 22.62 -36.28 -1.85
N PRO E 188 22.74 -37.58 -1.59
CA PRO E 188 24.01 -38.27 -1.87
C PRO E 188 24.41 -38.16 -3.32
N SER E 189 25.69 -37.83 -3.54
CA SER E 189 26.20 -37.59 -4.88
C SER E 189 26.18 -38.84 -5.76
N SER E 190 26.10 -40.02 -5.16
CA SER E 190 26.09 -41.28 -5.89
C SER E 190 24.76 -41.54 -6.59
N SER E 191 23.81 -40.62 -6.47
CA SER E 191 22.46 -40.79 -6.99
C SER E 191 22.07 -39.71 -8.00
N LEU E 192 23.03 -39.23 -8.80
CA LEU E 192 22.73 -38.18 -9.77
C LEU E 192 22.26 -38.72 -11.12
N GLY E 193 22.98 -39.70 -11.68
CA GLY E 193 22.59 -40.40 -12.89
C GLY E 193 21.92 -41.73 -12.67
N THR E 194 21.51 -42.04 -11.44
CA THR E 194 20.95 -43.34 -11.10
C THR E 194 19.61 -43.24 -10.40
N GLN E 195 19.55 -42.47 -9.30
CA GLN E 195 18.30 -42.25 -8.57
C GLN E 195 17.57 -41.08 -9.20
N THR E 196 16.28 -41.25 -9.45
CA THR E 196 15.52 -40.19 -10.09
C THR E 196 15.05 -39.18 -9.05
N TYR E 197 15.26 -37.89 -9.37
CA TYR E 197 14.78 -36.79 -8.55
C TYR E 197 13.90 -35.91 -9.43
N ILE E 198 12.63 -35.83 -9.07
CA ILE E 198 11.63 -35.06 -9.79
C ILE E 198 11.04 -34.05 -8.82
N CYS E 199 11.03 -32.78 -9.20
CA CYS E 199 10.37 -31.77 -8.40
C CYS E 199 8.97 -31.58 -8.93
N ASN E 200 8.00 -31.63 -8.04
CA ASN E 200 6.59 -31.55 -8.39
C ASN E 200 6.14 -30.15 -8.00
N VAL E 201 6.22 -29.25 -8.95
CA VAL E 201 5.84 -27.87 -8.75
C VAL E 201 4.35 -27.75 -9.03
N ASN E 202 3.65 -26.97 -8.20
CA ASN E 202 2.21 -26.78 -8.32
C ASN E 202 1.90 -25.31 -8.20
N HIS E 203 1.28 -24.74 -9.23
CA HIS E 203 0.82 -23.37 -9.20
C HIS E 203 -0.66 -23.41 -9.54
N LYS E 204 -1.48 -23.63 -8.50
CA LYS E 204 -2.92 -23.74 -8.71
C LYS E 204 -3.55 -22.51 -9.35
N PRO E 205 -3.10 -21.27 -9.12
CA PRO E 205 -3.68 -20.14 -9.87
C PRO E 205 -3.65 -20.30 -11.39
N SER E 206 -2.58 -20.87 -11.94
CA SER E 206 -2.45 -21.04 -13.39
C SER E 206 -2.67 -22.48 -13.84
N ASN E 207 -3.22 -23.34 -12.96
CA ASN E 207 -3.52 -24.72 -13.30
C ASN E 207 -2.28 -25.44 -13.84
N THR E 208 -1.13 -25.11 -13.27
CA THR E 208 0.14 -25.66 -13.70
C THR E 208 0.60 -26.73 -12.72
N LYS E 209 0.96 -27.89 -13.24
CA LYS E 209 1.55 -28.97 -12.47
C LYS E 209 2.69 -29.50 -13.32
N VAL E 210 3.92 -29.31 -12.86
CA VAL E 210 5.10 -29.68 -13.62
C VAL E 210 5.86 -30.75 -12.85
N ASP E 211 6.18 -31.83 -13.53
CA ASP E 211 7.04 -32.88 -13.01
C ASP E 211 8.31 -32.82 -13.83
N LYS E 212 9.26 -31.99 -13.38
CA LYS E 212 10.49 -31.78 -14.13
C LYS E 212 11.57 -32.70 -13.58
N LYS E 213 12.09 -33.54 -14.45
CA LYS E 213 13.25 -34.37 -14.14
C LYS E 213 14.48 -33.48 -14.04
N VAL E 214 15.29 -33.70 -13.01
CA VAL E 214 16.54 -32.96 -12.86
C VAL E 214 17.70 -33.90 -13.11
N GLU E 215 18.46 -33.62 -14.18
CA GLU E 215 19.60 -34.42 -14.60
C GLU E 215 20.84 -33.57 -14.78
N PRO E 216 22.01 -34.15 -14.61
CA PRO E 216 23.28 -33.42 -14.76
C PRO E 216 23.72 -33.34 -16.23
N LYS E 217 24.86 -32.67 -16.43
CA LYS E 217 25.48 -32.56 -17.74
C LYS E 217 26.93 -32.14 -17.55
N SER E 218 27.62 -31.93 -18.68
CA SER E 218 29.07 -31.72 -18.67
C SER E 218 29.47 -30.52 -17.83
N CYS E 219 30.52 -30.69 -17.03
CA CYS E 219 30.98 -29.65 -16.11
C CYS E 219 32.50 -29.74 -15.88
N SER F 4 -16.56 -18.52 38.51
CA SER F 4 -17.61 -19.51 38.74
C SER F 4 -19.00 -18.94 38.48
N SER F 5 -19.10 -17.61 38.50
CA SER F 5 -20.35 -16.93 38.18
C SER F 5 -20.58 -17.02 36.67
N SER F 6 -21.79 -16.66 36.25
CA SER F 6 -22.13 -16.70 34.83
C SER F 6 -21.08 -16.08 33.89
N GLY F 7 -20.43 -16.93 33.11
CA GLY F 7 -19.46 -16.54 32.11
C GLY F 7 -20.15 -16.47 30.75
N SER F 8 -19.99 -15.33 30.07
CA SER F 8 -20.66 -15.08 28.79
C SER F 8 -19.65 -14.47 27.83
N PRO F 9 -18.96 -15.29 27.05
CA PRO F 9 -17.88 -14.78 26.20
C PRO F 9 -18.41 -13.72 25.25
N PRO F 10 -17.61 -12.70 24.95
CA PRO F 10 -18.09 -11.68 24.02
C PRO F 10 -17.94 -12.10 22.56
N ARG F 11 -19.07 -12.46 21.94
CA ARG F 11 -19.11 -12.87 20.54
C ARG F 11 -19.90 -11.95 19.64
N ARG F 12 -20.70 -11.05 20.19
CA ARG F 12 -21.51 -10.14 19.40
C ARG F 12 -21.24 -8.70 19.81
N PRO F 13 -21.33 -7.77 18.87
CA PRO F 13 -21.02 -6.39 19.19
C PRO F 13 -22.00 -5.83 20.19
N PRO F 14 -21.61 -4.83 20.96
CA PRO F 14 -22.54 -4.22 21.91
C PRO F 14 -23.64 -3.47 21.19
N PRO F 15 -24.85 -3.41 21.77
CA PRO F 15 -25.96 -2.65 21.20
C PRO F 15 -25.76 -1.14 21.32
CL CL G . -11.54 -22.62 25.65
C1 GOL H . 22.91 -45.98 -6.71
O1 GOL H . 23.95 -45.19 -7.20
C2 GOL H . 22.20 -45.21 -5.53
O2 GOL H . 23.06 -44.40 -4.81
C3 GOL H . 21.04 -44.39 -6.17
O3 GOL H . 19.99 -45.27 -6.46
C1 GOL I . -25.93 -16.58 24.18
O1 GOL I . -24.95 -17.08 25.02
C2 GOL I . -25.92 -17.51 22.95
O2 GOL I . -26.90 -17.18 22.02
C3 GOL I . -24.45 -17.44 22.43
O3 GOL I . -24.24 -18.52 21.56
C1 GOL J . -12.65 -30.70 21.52
O1 GOL J . -12.45 -29.41 22.04
C2 GOL J . -13.89 -30.65 20.56
O2 GOL J . -13.80 -31.59 19.55
C3 GOL J . -15.13 -30.91 21.46
O3 GOL J . -16.25 -30.63 20.67
C1 GOL K . -23.90 -14.98 1.28
O1 GOL K . -24.16 -14.39 2.51
C2 GOL K . -22.74 -15.94 1.49
O2 GOL K . -21.56 -15.32 1.82
C3 GOL K . -22.65 -16.70 0.17
O3 GOL K . -22.87 -18.02 0.51
#